data_9EJV
# 
_entry.id   9EJV 
# 
_audit_conform.dict_name       mmcif_pdbx.dic 
_audit_conform.dict_version    5.403 
_audit_conform.dict_location   http://mmcif.pdb.org/dictionaries/ascii/mmcif_pdbx.dic 
# 
loop_
_database_2.database_id 
_database_2.database_code 
_database_2.pdbx_database_accession 
_database_2.pdbx_DOI 
PDB   9EJV         pdb_00009ejv 10.2210/pdb9ejv/pdb 
WWPDB D_1000289706 ?            ?                   
# 
loop_
_pdbx_audit_revision_history.ordinal 
_pdbx_audit_revision_history.data_content_type 
_pdbx_audit_revision_history.major_revision 
_pdbx_audit_revision_history.minor_revision 
_pdbx_audit_revision_history.revision_date 
_pdbx_audit_revision_history.part_number 
1 'Structure model' 1 0 2025-05-21 ? 
2 'Structure model' 1 1 2025-06-04 ? 
# 
_pdbx_audit_revision_details.ordinal             1 
_pdbx_audit_revision_details.revision_ordinal    1 
_pdbx_audit_revision_details.data_content_type   'Structure model' 
_pdbx_audit_revision_details.provider            repository 
_pdbx_audit_revision_details.type                'Initial release' 
_pdbx_audit_revision_details.description         ? 
_pdbx_audit_revision_details.details             ? 
# 
_pdbx_audit_revision_group.ordinal             1 
_pdbx_audit_revision_group.revision_ordinal    2 
_pdbx_audit_revision_group.data_content_type   'Structure model' 
_pdbx_audit_revision_group.group               'Database references' 
# 
loop_
_pdbx_audit_revision_category.ordinal 
_pdbx_audit_revision_category.revision_ordinal 
_pdbx_audit_revision_category.data_content_type 
_pdbx_audit_revision_category.category 
1 2 'Structure model' citation        
2 2 'Structure model' citation_author 
# 
loop_
_pdbx_audit_revision_item.ordinal 
_pdbx_audit_revision_item.revision_ordinal 
_pdbx_audit_revision_item.data_content_type 
_pdbx_audit_revision_item.item 
1 2 'Structure model' '_citation.journal_volume'          
2 2 'Structure model' '_citation.page_first'              
3 2 'Structure model' '_citation.page_last'               
4 2 'Structure model' '_citation_author.identifier_ORCID' 
# 
_pdbx_database_status.status_code                     REL 
_pdbx_database_status.status_code_sf                  REL 
_pdbx_database_status.status_code_mr                  ? 
_pdbx_database_status.entry_id                        9EJV 
_pdbx_database_status.recvd_initial_deposition_date   2024-11-29 
_pdbx_database_status.SG_entry                        N 
_pdbx_database_status.deposit_site                    RCSB 
_pdbx_database_status.process_site                    RCSB 
_pdbx_database_status.status_code_cs                  ? 
_pdbx_database_status.status_code_nmr_data            ? 
_pdbx_database_status.methods_development_category    ? 
_pdbx_database_status.pdb_format_compatible           Y 
# 
_pdbx_contact_author.id                 2 
_pdbx_contact_author.email              andyn@uic.edu 
_pdbx_contact_author.name_first         Andy 
_pdbx_contact_author.name_last          Nguyen 
_pdbx_contact_author.name_mi            I 
_pdbx_contact_author.role               'principal investigator/group leader' 
_pdbx_contact_author.identifier_ORCID   0000-0003-4137-6453 
# 
_audit_author.name               'Richardson-Matthews, R.M.' 
_audit_author.pdbx_ordinal       1 
_audit_author.identifier_ORCID   0000-0002-5871-0908 
# 
_citation.abstract                  ? 
_citation.abstract_id_CAS           ? 
_citation.book_id_ISBN              ? 
_citation.book_publisher            ? 
_citation.book_publisher_city       ? 
_citation.book_title                ? 
_citation.coordinate_linkage        ? 
_citation.country                   US 
_citation.database_id_Medline       ? 
_citation.details                   ? 
_citation.id                        primary 
_citation.journal_abbrev            J.Am.Chem.Soc. 
_citation.journal_id_ASTM           JACSAT 
_citation.journal_id_CSD            ? 
_citation.journal_id_ISSN           1520-5126 
_citation.journal_full              ? 
_citation.journal_issue             ? 
_citation.journal_volume            147 
_citation.language                  ? 
_citation.page_first                17433 
_citation.page_last                 17447 
_citation.title                     'Metal-alpha-Helix Peptide Frameworks.' 
_citation.year                      2025 
_citation.database_id_CSD           ? 
_citation.pdbx_database_id_DOI      10.1021/jacs.5c04078 
_citation.pdbx_database_id_PubMed   40328673 
_citation.pdbx_database_id_patent   ? 
_citation.unpublished_flag          ? 
# 
loop_
_citation_author.citation_id 
_citation_author.name 
_citation_author.ordinal 
_citation_author.identifier_ORCID 
primary 'Richardson-Matthews, R.' 1 ? 
primary 'Velko, K.'               2 ? 
primary 'Bhunia, B.'              3 ? 
primary 'Ghosh, S.'               4 ? 
primary 'Oktawiec, J.'            5 ? 
primary 'Brunzelle, J.S.'         6 ? 
primary 'Dang, V.T.'              7 ? 
primary 'Nguyen, A.I.'            8 ? 
# 
loop_
_entity.id 
_entity.type 
_entity.src_method 
_entity.pdbx_description 
_entity.formula_weight 
_entity.pdbx_number_of_molecules 
_entity.pdbx_ec 
_entity.pdbx_mutation 
_entity.pdbx_fragment 
_entity.details 
1 polymer     syn 'Co-MAHF-9 A8R'   1061.303 2  ? ? ? ? 
2 non-polymer syn 'SULFATE ION'     96.063   2  ? ? ? ? 
3 non-polymer syn 'COBALT (II) ION' 58.933   2  ? ? ? ? 
4 water       nat water             18.015   26 ? ? ? ? 
# 
_entity_poly.entity_id                      1 
_entity_poly.type                           'polypeptide(L)' 
_entity_poly.nstd_linkage                   no 
_entity_poly.nstd_monomer                   yes 
_entity_poly.pdbx_seq_one_letter_code       '(ACE)L(AIB)E(AIB)LHR(AIB)L(NH2)' 
_entity_poly.pdbx_seq_one_letter_code_can   XLAEALHRALX 
_entity_poly.pdbx_strand_id                 A,B 
_entity_poly.pdbx_target_identifier         ? 
# 
loop_
_pdbx_entity_nonpoly.entity_id 
_pdbx_entity_nonpoly.name 
_pdbx_entity_nonpoly.comp_id 
2 'SULFATE ION'     SO4 
3 'COBALT (II) ION' CO  
4 water             HOH 
# 
loop_
_entity_poly_seq.entity_id 
_entity_poly_seq.num 
_entity_poly_seq.mon_id 
_entity_poly_seq.hetero 
1 1  ACE n 
1 2  LEU n 
1 3  AIB n 
1 4  GLU n 
1 5  AIB n 
1 6  LEU n 
1 7  HIS n 
1 8  ARG n 
1 9  AIB n 
1 10 LEU n 
1 11 NH2 n 
# 
_pdbx_entity_src_syn.entity_id              1 
_pdbx_entity_src_syn.pdbx_src_id            1 
_pdbx_entity_src_syn.pdbx_alt_source_flag   sample 
_pdbx_entity_src_syn.pdbx_beg_seq_num       1 
_pdbx_entity_src_syn.pdbx_end_seq_num       11 
_pdbx_entity_src_syn.organism_scientific    'synthetic construct' 
_pdbx_entity_src_syn.organism_common_name   ? 
_pdbx_entity_src_syn.ncbi_taxonomy_id       32630 
_pdbx_entity_src_syn.details                ? 
# 
loop_
_chem_comp.id 
_chem_comp.type 
_chem_comp.mon_nstd_flag 
_chem_comp.name 
_chem_comp.pdbx_synonyms 
_chem_comp.formula 
_chem_comp.formula_weight 
ACE non-polymer         . 'ACETYL GROUP'               ? 'C2 H4 O'        44.053  
AIB 'L-peptide linking' n 'ALPHA-AMINOISOBUTYRIC ACID' ? 'C4 H9 N O2'     103.120 
ARG 'L-peptide linking' y ARGININE                     ? 'C6 H15 N4 O2 1' 175.209 
CO  non-polymer         . 'COBALT (II) ION'            ? 'Co 2'           58.933  
GLU 'L-peptide linking' y 'GLUTAMIC ACID'              ? 'C5 H9 N O4'     147.129 
HIS 'L-peptide linking' y HISTIDINE                    ? 'C6 H10 N3 O2 1' 156.162 
HOH non-polymer         . WATER                        ? 'H2 O'           18.015  
LEU 'L-peptide linking' y LEUCINE                      ? 'C6 H13 N O2'    131.173 
NH2 non-polymer         . 'AMINO GROUP'                ? 'H2 N'           16.023  
SO4 non-polymer         . 'SULFATE ION'                ? 'O4 S -2'        96.063  
# 
loop_
_pdbx_poly_seq_scheme.asym_id 
_pdbx_poly_seq_scheme.entity_id 
_pdbx_poly_seq_scheme.seq_id 
_pdbx_poly_seq_scheme.mon_id 
_pdbx_poly_seq_scheme.ndb_seq_num 
_pdbx_poly_seq_scheme.pdb_seq_num 
_pdbx_poly_seq_scheme.auth_seq_num 
_pdbx_poly_seq_scheme.pdb_mon_id 
_pdbx_poly_seq_scheme.auth_mon_id 
_pdbx_poly_seq_scheme.pdb_strand_id 
_pdbx_poly_seq_scheme.pdb_ins_code 
_pdbx_poly_seq_scheme.hetero 
A 1 1  ACE 1  1  1  ACE ACY A . n 
A 1 2  LEU 2  2  2  LEU LEU A . n 
A 1 3  AIB 3  3  3  AIB AIB A . n 
A 1 4  GLU 4  4  4  GLU GLU A . n 
A 1 5  AIB 5  5  5  AIB AIB A . n 
A 1 6  LEU 6  6  6  LEU LEU A . n 
A 1 7  HIS 7  7  7  HIS HIS A . n 
A 1 8  ARG 8  8  8  ARG ARG A . n 
A 1 9  AIB 9  9  9  AIB AIB A . n 
A 1 10 LEU 10 10 10 LEU LEU A . n 
A 1 11 NH2 11 11 11 NH2 NH3 A . n 
B 1 1  ACE 1  1  1  ACE ACY B . n 
B 1 2  LEU 2  2  2  LEU LEU B . n 
B 1 3  AIB 3  3  3  AIB AIB B . n 
B 1 4  GLU 4  4  4  GLU GLU B . n 
B 1 5  AIB 5  5  5  AIB AIB B . n 
B 1 6  LEU 6  6  6  LEU LEU B . n 
B 1 7  HIS 7  7  7  HIS HIS B . n 
B 1 8  ARG 8  8  8  ARG ARG B . n 
B 1 9  AIB 9  9  9  AIB AIB B . n 
B 1 10 LEU 10 10 10 LEU LEU B . n 
B 1 11 NH2 11 11 11 NH2 NH3 B . n 
# 
loop_
_pdbx_nonpoly_scheme.asym_id 
_pdbx_nonpoly_scheme.entity_id 
_pdbx_nonpoly_scheme.mon_id 
_pdbx_nonpoly_scheme.ndb_seq_num 
_pdbx_nonpoly_scheme.pdb_seq_num 
_pdbx_nonpoly_scheme.auth_seq_num 
_pdbx_nonpoly_scheme.pdb_mon_id 
_pdbx_nonpoly_scheme.auth_mon_id 
_pdbx_nonpoly_scheme.pdb_strand_id 
_pdbx_nonpoly_scheme.pdb_ins_code 
C 2 SO4 1  101 3  SO4 SO4 A . 
D 2 SO4 1  102 4  SO4 SO4 A . 
E 3 CO  1  101 1  CO  CO  B . 
F 3 CO  1  102 2  CO  CO  B . 
G 4 HOH 1  201 19 HOH HOH A . 
G 4 HOH 2  202 4  HOH HOH A . 
G 4 HOH 3  203 5  HOH HOH A . 
G 4 HOH 4  204 24 HOH HOH A . 
G 4 HOH 5  205 20 HOH HOH A . 
G 4 HOH 6  206 21 HOH HOH A . 
G 4 HOH 7  207 9  HOH HOH A . 
G 4 HOH 8  208 18 HOH HOH A . 
G 4 HOH 9  209 11 HOH HOH A . 
G 4 HOH 10 210 26 HOH HOH A . 
G 4 HOH 11 211 17 HOH HOH A . 
G 4 HOH 12 212 25 HOH HOH A . 
G 4 HOH 13 213 14 HOH HOH A . 
G 4 HOH 14 214 16 HOH HOH A . 
G 4 HOH 15 215 13 HOH HOH A . 
G 4 HOH 16 216 12 HOH HOH A . 
G 4 HOH 17 217 22 HOH HOH A . 
H 4 HOH 1  201 2  HOH HOH B . 
H 4 HOH 2  202 10 HOH HOH B . 
H 4 HOH 3  203 1  HOH HOH B . 
H 4 HOH 4  204 8  HOH HOH B . 
H 4 HOH 5  205 6  HOH HOH B . 
H 4 HOH 6  206 7  HOH HOH B . 
H 4 HOH 7  207 3  HOH HOH B . 
H 4 HOH 8  208 23 HOH HOH B . 
H 4 HOH 9  209 15 HOH HOH B . 
# 
loop_
_software.citation_id 
_software.classification 
_software.compiler_name 
_software.compiler_version 
_software.contact_author 
_software.contact_author_email 
_software.date 
_software.description 
_software.dependencies 
_software.hardware 
_software.language 
_software.location 
_software.mods 
_software.name 
_software.os 
_software.os_version 
_software.type 
_software.version 
_software.pdbx_ordinal 
? refinement       ? ? ? ? ? ? ? ? ? ? ? PHENIX ? ? ? 1.20.1_4487 1 
? 'data reduction' ? ? ? ? ? ? ? ? ? ? ? XDS    ? ? ? .           2 
? 'data scaling'   ? ? ? ? ? ? ? ? ? ? ? XDS    ? ? ? .           3 
? phasing          ? ? ? ? ? ? ? ? ? ? ? PHASER ? ? ? .           4 
# 
_cell.angle_alpha                  99.610 
_cell.angle_alpha_esd              ? 
_cell.angle_beta                   97.480 
_cell.angle_beta_esd               ? 
_cell.angle_gamma                  107.030 
_cell.angle_gamma_esd              ? 
_cell.entry_id                     9EJV 
_cell.details                      ? 
_cell.formula_units_Z              ? 
_cell.length_a                     9.682 
_cell.length_a_esd                 ? 
_cell.length_b                     16.260 
_cell.length_b_esd                 ? 
_cell.length_c                     24.696 
_cell.length_c_esd                 ? 
_cell.volume                       3598.500 
_cell.volume_esd                   ? 
_cell.Z_PDB                        2 
_cell.reciprocal_angle_alpha       ? 
_cell.reciprocal_angle_beta        ? 
_cell.reciprocal_angle_gamma       ? 
_cell.reciprocal_angle_alpha_esd   ? 
_cell.reciprocal_angle_beta_esd    ? 
_cell.reciprocal_angle_gamma_esd   ? 
_cell.reciprocal_length_a          ? 
_cell.reciprocal_length_b          ? 
_cell.reciprocal_length_c          ? 
_cell.reciprocal_length_a_esd      ? 
_cell.reciprocal_length_b_esd      ? 
_cell.reciprocal_length_c_esd      ? 
_cell.pdbx_unique_axis             ? 
_cell.pdbx_esd_method              ? 
# 
_symmetry.entry_id                         9EJV 
_symmetry.cell_setting                     ? 
_symmetry.Int_Tables_number                1 
_symmetry.space_group_name_Hall            'P 1' 
_symmetry.space_group_name_H-M             'P 1' 
_symmetry.pdbx_full_space_group_name_H-M   ? 
# 
_exptl.absorpt_coefficient_mu     ? 
_exptl.absorpt_correction_T_max   ? 
_exptl.absorpt_correction_T_min   ? 
_exptl.absorpt_correction_type    ? 
_exptl.absorpt_process_details    ? 
_exptl.entry_id                   9EJV 
_exptl.crystals_number            1 
_exptl.details                    ? 
_exptl.method                     'X-RAY DIFFRACTION' 
_exptl.method_details             ? 
# 
_exptl_crystal.colour                       ? 
_exptl_crystal.density_diffrn               ? 
_exptl_crystal.density_Matthews             1.67 
_exptl_crystal.density_method               ? 
_exptl_crystal.density_percent_sol          26.28 
_exptl_crystal.description                  ? 
_exptl_crystal.F_000                        ? 
_exptl_crystal.id                           1 
_exptl_crystal.preparation                  ? 
_exptl_crystal.size_max                     ? 
_exptl_crystal.size_mid                     ? 
_exptl_crystal.size_min                     ? 
_exptl_crystal.size_rad                     ? 
_exptl_crystal.colour_lustre                ? 
_exptl_crystal.colour_modifier              ? 
_exptl_crystal.colour_primary               ? 
_exptl_crystal.density_meas                 ? 
_exptl_crystal.density_meas_esd             ? 
_exptl_crystal.density_meas_gt              ? 
_exptl_crystal.density_meas_lt              ? 
_exptl_crystal.density_meas_temp            ? 
_exptl_crystal.density_meas_temp_esd        ? 
_exptl_crystal.density_meas_temp_gt         ? 
_exptl_crystal.density_meas_temp_lt         ? 
_exptl_crystal.pdbx_crystal_image_url       ? 
_exptl_crystal.pdbx_crystal_image_format    ? 
_exptl_crystal.pdbx_mosaicity               ? 
_exptl_crystal.pdbx_mosaicity_esd           ? 
_exptl_crystal.pdbx_mosaic_method           ? 
_exptl_crystal.pdbx_mosaic_block_size       ? 
_exptl_crystal.pdbx_mosaic_block_size_esd   ? 
# 
_exptl_crystal_grow.apparatus       ? 
_exptl_crystal_grow.atmosphere      ? 
_exptl_crystal_grow.crystal_id      1 
_exptl_crystal_grow.details         ? 
_exptl_crystal_grow.method          'SLOW COOLING' 
_exptl_crystal_grow.method_ref      ? 
_exptl_crystal_grow.pH              ? 
_exptl_crystal_grow.pressure        ? 
_exptl_crystal_grow.pressure_esd    ? 
_exptl_crystal_grow.seeding         ? 
_exptl_crystal_grow.seeding_ref     ? 
_exptl_crystal_grow.temp_details    ? 
_exptl_crystal_grow.temp_esd        ? 
_exptl_crystal_grow.time            ? 
_exptl_crystal_grow.pdbx_details    'water, acetonitrile, cobalt acetate, sodium hydroxide, methanol' 
_exptl_crystal_grow.pdbx_pH_range   ? 
_exptl_crystal_grow.temp            298 
# 
_diffrn.ambient_environment              ? 
_diffrn.ambient_temp                     100 
_diffrn.ambient_temp_details             ? 
_diffrn.ambient_temp_esd                 ? 
_diffrn.crystal_id                       1 
_diffrn.crystal_support                  ? 
_diffrn.crystal_treatment                ? 
_diffrn.details                          ? 
_diffrn.id                               1 
_diffrn.ambient_pressure                 ? 
_diffrn.ambient_pressure_esd             ? 
_diffrn.ambient_pressure_gt              ? 
_diffrn.ambient_pressure_lt              ? 
_diffrn.ambient_temp_gt                  ? 
_diffrn.ambient_temp_lt                  ? 
_diffrn.pdbx_serial_crystal_experiment   N 
# 
_diffrn_detector.details                      ? 
_diffrn_detector.detector                     PIXEL 
_diffrn_detector.diffrn_id                    1 
_diffrn_detector.type                         'DECTRIS EIGER X 16M' 
_diffrn_detector.area_resol_mean              ? 
_diffrn_detector.dtime                        ? 
_diffrn_detector.pdbx_frames_total            ? 
_diffrn_detector.pdbx_collection_time_total   ? 
_diffrn_detector.pdbx_collection_date         2024-08-30 
_diffrn_detector.pdbx_frequency               ? 
_diffrn_detector.id                           ? 
_diffrn_detector.number_of_axes               ? 
# 
_diffrn_radiation.collimation                      ? 
_diffrn_radiation.diffrn_id                        1 
_diffrn_radiation.filter_edge                      ? 
_diffrn_radiation.inhomogeneity                    ? 
_diffrn_radiation.monochromator                    ? 
_diffrn_radiation.polarisn_norm                    ? 
_diffrn_radiation.polarisn_ratio                   ? 
_diffrn_radiation.probe                            ? 
_diffrn_radiation.type                             ? 
_diffrn_radiation.xray_symbol                      ? 
_diffrn_radiation.wavelength_id                    1 
_diffrn_radiation.pdbx_monochromatic_or_laue_m_l   M 
_diffrn_radiation.pdbx_wavelength_list             ? 
_diffrn_radiation.pdbx_wavelength                  ? 
_diffrn_radiation.pdbx_diffrn_protocol             'SINGLE WAVELENGTH' 
_diffrn_radiation.pdbx_analyzer                    ? 
_diffrn_radiation.pdbx_scattering_type             x-ray 
# 
_diffrn_radiation_wavelength.id           1 
_diffrn_radiation_wavelength.wavelength   0.688801 
_diffrn_radiation_wavelength.wt           1.0 
# 
_diffrn_source.current                     ? 
_diffrn_source.details                     ? 
_diffrn_source.diffrn_id                   1 
_diffrn_source.power                       ? 
_diffrn_source.size                        ? 
_diffrn_source.source                      SYNCHROTRON 
_diffrn_source.target                      ? 
_diffrn_source.type                        'MAX IV BEAMLINE BioMAX' 
_diffrn_source.voltage                     ? 
_diffrn_source.take-off_angle              ? 
_diffrn_source.pdbx_wavelength_list        0.688801 
_diffrn_source.pdbx_wavelength             ? 
_diffrn_source.pdbx_synchrotron_beamline   BioMAX 
_diffrn_source.pdbx_synchrotron_site       'MAX IV' 
# 
_reflns.B_iso_Wilson_estimate                          ? 
_reflns.entry_id                                       9EJV 
_reflns.data_reduction_details                         ? 
_reflns.data_reduction_method                          ? 
_reflns.d_resolution_high                              0.92 
_reflns.d_resolution_low                               15.18 
_reflns.details                                        ? 
_reflns.limit_h_max                                    ? 
_reflns.limit_h_min                                    ? 
_reflns.limit_k_max                                    ? 
_reflns.limit_k_min                                    ? 
_reflns.limit_l_max                                    ? 
_reflns.limit_l_min                                    ? 
_reflns.number_all                                     ? 
_reflns.number_obs                                     9050 
_reflns.observed_criterion                             ? 
_reflns.observed_criterion_F_max                       ? 
_reflns.observed_criterion_F_min                       ? 
_reflns.observed_criterion_I_max                       ? 
_reflns.observed_criterion_I_min                       ? 
_reflns.observed_criterion_sigma_F                     ? 
_reflns.observed_criterion_sigma_I                     ? 
_reflns.percent_possible_obs                           93.38 
_reflns.R_free_details                                 ? 
_reflns.Rmerge_F_all                                   ? 
_reflns.Rmerge_F_obs                                   ? 
_reflns.Friedel_coverage                               ? 
_reflns.number_gt                                      ? 
_reflns.threshold_expression                           ? 
_reflns.pdbx_redundancy                                3.5 
_reflns.pdbx_netI_over_av_sigmaI                       ? 
_reflns.pdbx_netI_over_sigmaI                          9.90 
_reflns.pdbx_res_netI_over_av_sigmaI_2                 ? 
_reflns.pdbx_res_netI_over_sigmaI_2                    ? 
_reflns.pdbx_chi_squared                               ? 
_reflns.pdbx_scaling_rejects                           ? 
_reflns.pdbx_d_res_high_opt                            ? 
_reflns.pdbx_d_res_low_opt                             ? 
_reflns.pdbx_d_res_opt_method                          ? 
_reflns.phase_calculation_details                      ? 
_reflns.pdbx_Rrim_I_all                                ? 
_reflns.pdbx_Rpim_I_all                                ? 
_reflns.pdbx_d_opt                                     ? 
_reflns.pdbx_number_measured_all                       ? 
_reflns.pdbx_diffrn_id                                 1 
_reflns.pdbx_ordinal                                   1 
_reflns.pdbx_CC_half                                   0.998 
_reflns.pdbx_CC_star                                   ? 
_reflns.pdbx_R_split                                   ? 
_reflns.pdbx_Rmerge_I_obs                              ? 
_reflns.pdbx_Rmerge_I_all                              ? 
_reflns.pdbx_Rsym_value                                ? 
_reflns.pdbx_CC_split_method                           ? 
_reflns.pdbx_aniso_diffraction_limit_axis_1_ortho[1]   ? 
_reflns.pdbx_aniso_diffraction_limit_axis_1_ortho[2]   ? 
_reflns.pdbx_aniso_diffraction_limit_axis_1_ortho[3]   ? 
_reflns.pdbx_aniso_diffraction_limit_axis_2_ortho[1]   ? 
_reflns.pdbx_aniso_diffraction_limit_axis_2_ortho[2]   ? 
_reflns.pdbx_aniso_diffraction_limit_axis_2_ortho[3]   ? 
_reflns.pdbx_aniso_diffraction_limit_axis_3_ortho[1]   ? 
_reflns.pdbx_aniso_diffraction_limit_axis_3_ortho[2]   ? 
_reflns.pdbx_aniso_diffraction_limit_axis_3_ortho[3]   ? 
_reflns.pdbx_aniso_diffraction_limit_1                 ? 
_reflns.pdbx_aniso_diffraction_limit_2                 ? 
_reflns.pdbx_aniso_diffraction_limit_3                 ? 
_reflns.pdbx_aniso_B_tensor_eigenvector_1_ortho[1]     ? 
_reflns.pdbx_aniso_B_tensor_eigenvector_1_ortho[2]     ? 
_reflns.pdbx_aniso_B_tensor_eigenvector_1_ortho[3]     ? 
_reflns.pdbx_aniso_B_tensor_eigenvector_2_ortho[1]     ? 
_reflns.pdbx_aniso_B_tensor_eigenvector_2_ortho[2]     ? 
_reflns.pdbx_aniso_B_tensor_eigenvector_2_ortho[3]     ? 
_reflns.pdbx_aniso_B_tensor_eigenvector_3_ortho[1]     ? 
_reflns.pdbx_aniso_B_tensor_eigenvector_3_ortho[2]     ? 
_reflns.pdbx_aniso_B_tensor_eigenvector_3_ortho[3]     ? 
_reflns.pdbx_aniso_B_tensor_eigenvalue_1               ? 
_reflns.pdbx_aniso_B_tensor_eigenvalue_2               ? 
_reflns.pdbx_aniso_B_tensor_eigenvalue_3               ? 
_reflns.pdbx_orthogonalization_convention              ? 
_reflns.pdbx_percent_possible_ellipsoidal              ? 
_reflns.pdbx_percent_possible_spherical                ? 
_reflns.pdbx_percent_possible_ellipsoidal_anomalous    ? 
_reflns.pdbx_percent_possible_spherical_anomalous      ? 
_reflns.pdbx_redundancy_anomalous                      ? 
_reflns.pdbx_CC_half_anomalous                         ? 
_reflns.pdbx_absDiff_over_sigma_anomalous              ? 
_reflns.pdbx_percent_possible_anomalous                ? 
_reflns.pdbx_observed_signal_threshold                 ? 
_reflns.pdbx_signal_type                               ? 
_reflns.pdbx_signal_details                            ? 
_reflns.pdbx_signal_software_id                        ? 
# 
_reflns_shell.d_res_high                                    0.92 
_reflns_shell.d_res_low                                     0.9531 
_reflns_shell.meanI_over_sigI_all                           ? 
_reflns_shell.meanI_over_sigI_obs                           ? 
_reflns_shell.number_measured_all                           ? 
_reflns_shell.number_measured_obs                           ? 
_reflns_shell.number_possible                               ? 
_reflns_shell.number_unique_all                             ? 
_reflns_shell.number_unique_obs                             928 
_reflns_shell.percent_possible_obs                          ? 
_reflns_shell.Rmerge_F_all                                  ? 
_reflns_shell.Rmerge_F_obs                                  ? 
_reflns_shell.meanI_over_sigI_gt                            ? 
_reflns_shell.meanI_over_uI_all                             ? 
_reflns_shell.meanI_over_uI_gt                              ? 
_reflns_shell.number_measured_gt                            ? 
_reflns_shell.number_unique_gt                              ? 
_reflns_shell.percent_possible_gt                           ? 
_reflns_shell.Rmerge_F_gt                                   ? 
_reflns_shell.Rmerge_I_gt                                   ? 
_reflns_shell.pdbx_redundancy                               ? 
_reflns_shell.pdbx_chi_squared                              ? 
_reflns_shell.pdbx_netI_over_sigmaI_all                     ? 
_reflns_shell.pdbx_netI_over_sigmaI_obs                     ? 
_reflns_shell.pdbx_Rrim_I_all                               ? 
_reflns_shell.pdbx_Rpim_I_all                               ? 
_reflns_shell.pdbx_rejects                                  ? 
_reflns_shell.pdbx_ordinal                                  1 
_reflns_shell.pdbx_diffrn_id                                1 
_reflns_shell.pdbx_CC_half                                  0.71 
_reflns_shell.pdbx_CC_star                                  ? 
_reflns_shell.pdbx_R_split                                  ? 
_reflns_shell.percent_possible_all                          ? 
_reflns_shell.Rmerge_I_all                                  ? 
_reflns_shell.Rmerge_I_obs                                  ? 
_reflns_shell.pdbx_Rsym_value                               ? 
_reflns_shell.pdbx_percent_possible_ellipsoidal             ? 
_reflns_shell.pdbx_percent_possible_spherical               ? 
_reflns_shell.pdbx_percent_possible_ellipsoidal_anomalous   ? 
_reflns_shell.pdbx_percent_possible_spherical_anomalous     ? 
_reflns_shell.pdbx_redundancy_anomalous                     ? 
_reflns_shell.pdbx_CC_half_anomalous                        ? 
_reflns_shell.pdbx_absDiff_over_sigma_anomalous             ? 
_reflns_shell.pdbx_percent_possible_anomalous               ? 
# 
_refine.aniso_B[1][1]                            ? 
_refine.aniso_B[1][2]                            ? 
_refine.aniso_B[1][3]                            ? 
_refine.aniso_B[2][2]                            ? 
_refine.aniso_B[2][3]                            ? 
_refine.aniso_B[3][3]                            ? 
_refine.B_iso_max                                ? 
_refine.B_iso_mean                               5.32 
_refine.B_iso_min                                ? 
_refine.correlation_coeff_Fo_to_Fc               ? 
_refine.correlation_coeff_Fo_to_Fc_free          ? 
_refine.details                                  ? 
_refine.diff_density_max                         ? 
_refine.diff_density_max_esd                     ? 
_refine.diff_density_min                         ? 
_refine.diff_density_min_esd                     ? 
_refine.diff_density_rms                         ? 
_refine.diff_density_rms_esd                     ? 
_refine.entry_id                                 9EJV 
_refine.pdbx_refine_id                           'X-RAY DIFFRACTION' 
_refine.ls_abs_structure_details                 ? 
_refine.ls_abs_structure_Flack                   ? 
_refine.ls_abs_structure_Flack_esd               ? 
_refine.ls_abs_structure_Rogers                  ? 
_refine.ls_abs_structure_Rogers_esd              ? 
_refine.ls_d_res_high                            0.92 
_refine.ls_d_res_low                             15.18 
_refine.ls_extinction_coef                       ? 
_refine.ls_extinction_coef_esd                   ? 
_refine.ls_extinction_expression                 ? 
_refine.ls_extinction_method                     ? 
_refine.ls_goodness_of_fit_all                   ? 
_refine.ls_goodness_of_fit_all_esd               ? 
_refine.ls_goodness_of_fit_obs                   ? 
_refine.ls_goodness_of_fit_obs_esd               ? 
_refine.ls_hydrogen_treatment                    ? 
_refine.ls_matrix_type                           ? 
_refine.ls_number_constraints                    ? 
_refine.ls_number_parameters                     ? 
_refine.ls_number_reflns_all                     ? 
_refine.ls_number_reflns_obs                     9050 
_refine.ls_number_reflns_R_free                  1643 
_refine.ls_number_reflns_R_work                  14946 
_refine.ls_number_restraints                     ? 
_refine.ls_percent_reflns_obs                    85.59 
_refine.ls_percent_reflns_R_free                 9.90 
_refine.ls_R_factor_all                          ? 
_refine.ls_R_factor_obs                          0.1153 
_refine.ls_R_factor_R_free                       0.1348 
_refine.ls_R_factor_R_free_error                 ? 
_refine.ls_R_factor_R_free_error_details         ? 
_refine.ls_R_factor_R_work                       0.1132 
_refine.ls_R_Fsqd_factor_obs                     ? 
_refine.ls_R_I_factor_obs                        ? 
_refine.ls_redundancy_reflns_all                 ? 
_refine.ls_redundancy_reflns_obs                 ? 
_refine.ls_restrained_S_all                      ? 
_refine.ls_restrained_S_obs                      ? 
_refine.ls_shift_over_esd_max                    ? 
_refine.ls_shift_over_esd_mean                   ? 
_refine.ls_structure_factor_coef                 ? 
_refine.ls_weighting_details                     ? 
_refine.ls_weighting_scheme                      ? 
_refine.ls_wR_factor_all                         ? 
_refine.ls_wR_factor_obs                         ? 
_refine.ls_wR_factor_R_free                      ? 
_refine.ls_wR_factor_R_work                      ? 
_refine.occupancy_max                            ? 
_refine.occupancy_min                            ? 
_refine.solvent_model_details                    'FLAT BULK SOLVENT MODEL' 
_refine.solvent_model_param_bsol                 ? 
_refine.solvent_model_param_ksol                 ? 
_refine.pdbx_R_complete                          ? 
_refine.ls_R_factor_gt                           ? 
_refine.ls_goodness_of_fit_gt                    ? 
_refine.ls_goodness_of_fit_ref                   ? 
_refine.ls_shift_over_su_max                     ? 
_refine.ls_shift_over_su_max_lt                  ? 
_refine.ls_shift_over_su_mean                    ? 
_refine.ls_shift_over_su_mean_lt                 ? 
_refine.pdbx_ls_sigma_I                          ? 
_refine.pdbx_ls_sigma_F                          1.97 
_refine.pdbx_ls_sigma_Fsqd                       ? 
_refine.pdbx_data_cutoff_high_absF               ? 
_refine.pdbx_data_cutoff_high_rms_absF           ? 
_refine.pdbx_data_cutoff_low_absF                ? 
_refine.pdbx_isotropic_thermal_model             ? 
_refine.pdbx_ls_cross_valid_method               'FREE R-VALUE' 
_refine.pdbx_method_to_determine_struct          'MOLECULAR REPLACEMENT' 
_refine.pdbx_starting_model                      ? 
_refine.pdbx_stereochemistry_target_values       'GeoStd + Monomer Library + CDL v1.2' 
_refine.pdbx_R_Free_selection_details            ? 
_refine.pdbx_stereochem_target_val_spec_case     ? 
_refine.pdbx_overall_ESU_R                       ? 
_refine.pdbx_overall_ESU_R_Free                  ? 
_refine.pdbx_solvent_vdw_probe_radii             1.1000 
_refine.pdbx_solvent_ion_probe_radii             ? 
_refine.pdbx_solvent_shrinkage_radii             0.9000 
_refine.pdbx_real_space_R                        ? 
_refine.pdbx_density_correlation                 ? 
_refine.pdbx_pd_number_of_powder_patterns        ? 
_refine.pdbx_pd_number_of_points                 ? 
_refine.pdbx_pd_meas_number_of_points            ? 
_refine.pdbx_pd_proc_ls_prof_R_factor            ? 
_refine.pdbx_pd_proc_ls_prof_wR_factor           ? 
_refine.pdbx_pd_Marquardt_correlation_coeff      ? 
_refine.pdbx_pd_Fsqrd_R_factor                   ? 
_refine.pdbx_pd_ls_matrix_band_width             ? 
_refine.pdbx_overall_phase_error                 14.0806 
_refine.pdbx_overall_SU_R_free_Cruickshank_DPI   ? 
_refine.pdbx_overall_SU_R_free_Blow_DPI          ? 
_refine.pdbx_overall_SU_R_Blow_DPI               ? 
_refine.pdbx_TLS_residual_ADP_flag               ? 
_refine.pdbx_diffrn_id                           1 
_refine.overall_SU_B                             ? 
_refine.overall_SU_ML                            0.0731 
_refine.overall_SU_R_Cruickshank_DPI             ? 
_refine.overall_SU_R_free                        ? 
_refine.overall_FOM_free_R_set                   ? 
_refine.overall_FOM_work_R_set                   ? 
_refine.pdbx_average_fsc_overall                 ? 
_refine.pdbx_average_fsc_work                    ? 
_refine.pdbx_average_fsc_free                    ? 
# 
_refine_hist.pdbx_refine_id                   'X-RAY DIFFRACTION' 
_refine_hist.cycle_id                         LAST 
_refine_hist.details                          ? 
_refine_hist.d_res_high                       0.92 
_refine_hist.d_res_low                        15.18 
_refine_hist.number_atoms_solvent             26 
_refine_hist.number_atoms_total               190 
_refine_hist.number_reflns_all                ? 
_refine_hist.number_reflns_obs                ? 
_refine_hist.number_reflns_R_free             ? 
_refine_hist.number_reflns_R_work             ? 
_refine_hist.R_factor_all                     ? 
_refine_hist.R_factor_obs                     ? 
_refine_hist.R_factor_R_free                  ? 
_refine_hist.R_factor_R_work                  ? 
_refine_hist.pdbx_number_residues_total       ? 
_refine_hist.pdbx_B_iso_mean_ligand           ? 
_refine_hist.pdbx_B_iso_mean_solvent          ? 
_refine_hist.pdbx_number_atoms_protein        144 
_refine_hist.pdbx_number_atoms_nucleic_acid   0 
_refine_hist.pdbx_number_atoms_ligand         20 
_refine_hist.pdbx_number_atoms_lipid          ? 
_refine_hist.pdbx_number_atoms_carb           ? 
_refine_hist.pdbx_pseudo_atom_details         ? 
# 
loop_
_refine_ls_restr.pdbx_refine_id 
_refine_ls_restr.criterion 
_refine_ls_restr.dev_ideal 
_refine_ls_restr.dev_ideal_target 
_refine_ls_restr.number 
_refine_ls_restr.rejects 
_refine_ls_restr.type 
_refine_ls_restr.weight 
_refine_ls_restr.pdbx_restraint_function 
'X-RAY DIFFRACTION' ? 0.0066  ? 156 ? f_bond_d           ? ? 
'X-RAY DIFFRACTION' ? 1.6060  ? 216 ? f_angle_d          ? ? 
'X-RAY DIFFRACTION' ? 0.0511  ? 18  ? f_chiral_restr     ? ? 
'X-RAY DIFFRACTION' ? 0.0111  ? 22  ? f_plane_restr      ? ? 
'X-RAY DIFFRACTION' ? 21.8744 ? 24  ? f_dihedral_angle_d ? ? 
# 
loop_
_refine_ls_shell.pdbx_refine_id 
_refine_ls_shell.d_res_high 
_refine_ls_shell.d_res_low 
_refine_ls_shell.number_reflns_all 
_refine_ls_shell.number_reflns_obs 
_refine_ls_shell.number_reflns_R_free 
_refine_ls_shell.number_reflns_R_work 
_refine_ls_shell.percent_reflns_obs 
_refine_ls_shell.percent_reflns_R_free 
_refine_ls_shell.R_factor_all 
_refine_ls_shell.R_factor_obs 
_refine_ls_shell.R_factor_R_free_error 
_refine_ls_shell.R_factor_R_work 
_refine_ls_shell.redundancy_reflns_all 
_refine_ls_shell.redundancy_reflns_obs 
_refine_ls_shell.wR_factor_all 
_refine_ls_shell.wR_factor_obs 
_refine_ls_shell.wR_factor_R_free 
_refine_ls_shell.wR_factor_R_work 
_refine_ls_shell.pdbx_R_complete 
_refine_ls_shell.pdbx_total_number_of_bins_used 
_refine_ls_shell.pdbx_phase_error 
_refine_ls_shell.pdbx_fsc_work 
_refine_ls_shell.pdbx_fsc_free 
_refine_ls_shell.R_factor_R_free 
'X-RAY DIFFRACTION' 0.92 0.95  . . 116 1230 83.40 . . . . 0.2324 . . . . . . . . . . . 0.2608 
'X-RAY DIFFRACTION' 0.95 0.98  . . 138 1237 84.15 . . . . 0.2079 . . . . . . . . . . . 0.2432 
'X-RAY DIFFRACTION' 0.98 1.01  . . 144 1230 83.27 . . . . 0.1749 . . . . . . . . . . . 0.2173 
'X-RAY DIFFRACTION' 1.01 1.05  . . 133 1255 87.74 . . . . 0.1742 . . . . . . . . . . . 0.1798 
'X-RAY DIFFRACTION' 1.05 1.10  . . 128 1245 84.86 . . . . 0.1456 . . . . . . . . . . . 0.1946 
'X-RAY DIFFRACTION' 1.10 1.16  . . 155 1239 86.05 . . . . 0.1295 . . . . . . . . . . . 0.1365 
'X-RAY DIFFRACTION' 1.16 1.23  . . 134 1260 86.80 . . . . 0.1128 . . . . . . . . . . . 0.1436 
'X-RAY DIFFRACTION' 1.23 1.33  . . 156 1248 87.75 . . . . 0.1059 . . . . . . . . . . . 0.1156 
'X-RAY DIFFRACTION' 1.33 1.46  . . 142 1282 88.89 . . . . 0.1042 . . . . . . . . . . . 0.1383 
'X-RAY DIFFRACTION' 1.47 1.67  . . 137 1239 91.01 . . . . 0.0893 . . . . . . . . . . . 0.1202 
'X-RAY DIFFRACTION' 1.67 2.10  . . 124 1242 84.32 . . . . 0.0869 . . . . . . . . . . . 0.0947 
'X-RAY DIFFRACTION' 2.11 15.18 . . 136 1239 85.30 . . . . 0.0796 . . . . . . . . . . . 0.0950 
# 
_struct.entry_id                     9EJV 
_struct.title                        'Co-MAHF-9 A8R Metal Alpha-Helix Framework' 
_struct.pdbx_model_details           ? 
_struct.pdbx_formula_weight          ? 
_struct.pdbx_formula_weight_method   ? 
_struct.pdbx_model_type_details      ? 
_struct.pdbx_CASP_flag               N 
# 
_struct_keywords.entry_id        9EJV 
_struct_keywords.text            'synthetic construct, DE NOVO PROTEIN' 
_struct_keywords.pdbx_keywords   'DE NOVO PROTEIN' 
# 
loop_
_struct_asym.id 
_struct_asym.pdbx_blank_PDB_chainid_flag 
_struct_asym.pdbx_modified 
_struct_asym.entity_id 
_struct_asym.details 
A N N 1 ? 
B N N 1 ? 
C N N 2 ? 
D N N 2 ? 
E N N 3 ? 
F N N 3 ? 
G N N 4 ? 
H N N 4 ? 
# 
_struct_ref.id                         1 
_struct_ref.db_name                    PDB 
_struct_ref.db_code                    9EJV 
_struct_ref.pdbx_db_accession          9EJV 
_struct_ref.pdbx_db_isoform            ? 
_struct_ref.entity_id                  1 
_struct_ref.pdbx_seq_one_letter_code   ? 
_struct_ref.pdbx_align_begin           1 
# 
loop_
_struct_ref_seq.align_id 
_struct_ref_seq.ref_id 
_struct_ref_seq.pdbx_PDB_id_code 
_struct_ref_seq.pdbx_strand_id 
_struct_ref_seq.seq_align_beg 
_struct_ref_seq.pdbx_seq_align_beg_ins_code 
_struct_ref_seq.seq_align_end 
_struct_ref_seq.pdbx_seq_align_end_ins_code 
_struct_ref_seq.pdbx_db_accession 
_struct_ref_seq.db_align_beg 
_struct_ref_seq.pdbx_db_align_beg_ins_code 
_struct_ref_seq.db_align_end 
_struct_ref_seq.pdbx_db_align_end_ins_code 
_struct_ref_seq.pdbx_auth_seq_align_beg 
_struct_ref_seq.pdbx_auth_seq_align_end 
1 1 9EJV A 1 ? 11 ? 9EJV 1 ? 11 ? 1 11 
2 1 9EJV B 1 ? 11 ? 9EJV 1 ? 11 ? 1 11 
# 
loop_
_pdbx_struct_assembly.id 
_pdbx_struct_assembly.details 
_pdbx_struct_assembly.method_details 
_pdbx_struct_assembly.oligomeric_details 
_pdbx_struct_assembly.oligomeric_count 
1 author_and_software_defined_assembly PISA monomeric 1 
2 author_and_software_defined_assembly PISA monomeric 1 
# 
loop_
_pdbx_struct_assembly_gen.assembly_id 
_pdbx_struct_assembly_gen.oper_expression 
_pdbx_struct_assembly_gen.asym_id_list 
1 1 A,C,D,G 
2 1 B,E,F,H 
# 
_pdbx_struct_assembly_auth_evidence.id                     1 
_pdbx_struct_assembly_auth_evidence.assembly_id            1 
_pdbx_struct_assembly_auth_evidence.experimental_support   none 
_pdbx_struct_assembly_auth_evidence.details                ? 
# 
_pdbx_struct_oper_list.id                   1 
_pdbx_struct_oper_list.type                 'identity operation' 
_pdbx_struct_oper_list.name                 1_555 
_pdbx_struct_oper_list.symmetry_operation   x,y,z 
_pdbx_struct_oper_list.matrix[1][1]         1.0000000000 
_pdbx_struct_oper_list.matrix[1][2]         0.0000000000 
_pdbx_struct_oper_list.matrix[1][3]         0.0000000000 
_pdbx_struct_oper_list.vector[1]            0.0000000000 
_pdbx_struct_oper_list.matrix[2][1]         0.0000000000 
_pdbx_struct_oper_list.matrix[2][2]         1.0000000000 
_pdbx_struct_oper_list.matrix[2][3]         0.0000000000 
_pdbx_struct_oper_list.vector[2]            0.0000000000 
_pdbx_struct_oper_list.matrix[3][1]         0.0000000000 
_pdbx_struct_oper_list.matrix[3][2]         0.0000000000 
_pdbx_struct_oper_list.matrix[3][3]         1.0000000000 
_pdbx_struct_oper_list.vector[3]            0.0000000000 
# 
loop_
_struct_conf.conf_type_id 
_struct_conf.id 
_struct_conf.pdbx_PDB_helix_id 
_struct_conf.beg_label_comp_id 
_struct_conf.beg_label_asym_id 
_struct_conf.beg_label_seq_id 
_struct_conf.pdbx_beg_PDB_ins_code 
_struct_conf.end_label_comp_id 
_struct_conf.end_label_asym_id 
_struct_conf.end_label_seq_id 
_struct_conf.pdbx_end_PDB_ins_code 
_struct_conf.beg_auth_comp_id 
_struct_conf.beg_auth_asym_id 
_struct_conf.beg_auth_seq_id 
_struct_conf.end_auth_comp_id 
_struct_conf.end_auth_asym_id 
_struct_conf.end_auth_seq_id 
_struct_conf.pdbx_PDB_helix_class 
_struct_conf.details 
_struct_conf.pdbx_PDB_helix_length 
HELX_P HELX_P1 AA1 LEU A 2 ? LEU A 10 ? LEU A 2 LEU A 10 1 ? 9 
HELX_P HELX_P2 AA2 LEU B 2 ? LEU B 10 ? LEU B 2 LEU B 10 1 ? 9 
# 
_struct_conf_type.id          HELX_P 
_struct_conf_type.criteria    ? 
_struct_conf_type.reference   ? 
# 
loop_
_struct_conn.id 
_struct_conn.conn_type_id 
_struct_conn.pdbx_leaving_atom_flag 
_struct_conn.pdbx_PDB_id 
_struct_conn.ptnr1_label_asym_id 
_struct_conn.ptnr1_label_comp_id 
_struct_conn.ptnr1_label_seq_id 
_struct_conn.ptnr1_label_atom_id 
_struct_conn.pdbx_ptnr1_label_alt_id 
_struct_conn.pdbx_ptnr1_PDB_ins_code 
_struct_conn.pdbx_ptnr1_standard_comp_id 
_struct_conn.ptnr1_symmetry 
_struct_conn.ptnr2_label_asym_id 
_struct_conn.ptnr2_label_comp_id 
_struct_conn.ptnr2_label_seq_id 
_struct_conn.ptnr2_label_atom_id 
_struct_conn.pdbx_ptnr2_label_alt_id 
_struct_conn.pdbx_ptnr2_PDB_ins_code 
_struct_conn.ptnr1_auth_asym_id 
_struct_conn.ptnr1_auth_comp_id 
_struct_conn.ptnr1_auth_seq_id 
_struct_conn.ptnr2_auth_asym_id 
_struct_conn.ptnr2_auth_comp_id 
_struct_conn.ptnr2_auth_seq_id 
_struct_conn.ptnr2_symmetry 
_struct_conn.pdbx_ptnr3_label_atom_id 
_struct_conn.pdbx_ptnr3_label_seq_id 
_struct_conn.pdbx_ptnr3_label_comp_id 
_struct_conn.pdbx_ptnr3_label_asym_id 
_struct_conn.pdbx_ptnr3_label_alt_id 
_struct_conn.pdbx_ptnr3_PDB_ins_code 
_struct_conn.details 
_struct_conn.pdbx_dist_value 
_struct_conn.pdbx_value_order 
_struct_conn.pdbx_role 
covale1  covale both ? A ACE 1  C   ? ? ? 1_555 A LEU 2  N  ? ? A ACE 1   A LEU 2   1_555 ? ? ? ? ? ? ? 1.417 ? ? 
covale2  covale both ? A LEU 2  C   ? ? ? 1_555 A AIB 3  N  ? ? A LEU 2   A AIB 3   1_555 ? ? ? ? ? ? ? 1.333 ? ? 
covale3  covale both ? A AIB 3  C   ? ? ? 1_555 A GLU 4  N  ? ? A AIB 3   A GLU 4   1_555 ? ? ? ? ? ? ? 1.330 ? ? 
covale4  covale both ? A GLU 4  C   ? ? ? 1_555 A AIB 5  N  ? ? A GLU 4   A AIB 5   1_555 ? ? ? ? ? ? ? 1.329 ? ? 
covale5  covale both ? A AIB 5  C   ? ? ? 1_555 A LEU 6  N  ? ? A AIB 5   A LEU 6   1_555 ? ? ? ? ? ? ? 1.331 ? ? 
covale6  covale both ? A ARG 8  C   ? ? ? 1_555 A AIB 9  N  ? ? A ARG 8   A AIB 9   1_555 ? ? ? ? ? ? ? 1.326 ? ? 
covale7  covale both ? A AIB 9  C   ? ? ? 1_555 A LEU 10 N  ? ? A AIB 9   A LEU 10  1_555 ? ? ? ? ? ? ? 1.330 ? ? 
covale8  covale both ? A LEU 10 C   ? ? ? 1_555 A NH2 11 N  ? ? A LEU 10  A NH2 11  1_555 ? ? ? ? ? ? ? 1.426 ? ? 
covale9  covale both ? B ACE 1  C   ? ? ? 1_555 B LEU 2  N  ? ? B ACE 1   B LEU 2   1_555 ? ? ? ? ? ? ? 1.417 ? ? 
covale10 covale both ? B LEU 2  C   ? ? ? 1_555 B AIB 3  N  ? ? B LEU 2   B AIB 3   1_555 ? ? ? ? ? ? ? 1.328 ? ? 
covale11 covale both ? B AIB 3  C   ? ? ? 1_555 B GLU 4  N  ? ? B AIB 3   B GLU 4   1_555 ? ? ? ? ? ? ? 1.331 ? ? 
covale12 covale both ? B GLU 4  C   ? ? ? 1_555 B AIB 5  N  ? ? B GLU 4   B AIB 5   1_555 ? ? ? ? ? ? ? 1.330 ? ? 
covale13 covale both ? B AIB 5  C   ? ? ? 1_555 B LEU 6  N  ? ? B AIB 5   B LEU 6   1_555 ? ? ? ? ? ? ? 1.328 ? ? 
covale14 covale both ? B ARG 8  C   ? ? ? 1_555 B AIB 9  N  ? ? B ARG 8   B AIB 9   1_555 ? ? ? ? ? ? ? 1.329 ? ? 
covale15 covale both ? B AIB 9  C   ? ? ? 1_555 B LEU 10 N  ? ? B AIB 9   B LEU 10  1_555 ? ? ? ? ? ? ? 1.334 ? ? 
covale16 covale both ? B LEU 10 C   ? ? ? 1_555 B NH2 11 N  ? ? B LEU 10  B NH2 11  1_555 ? ? ? ? ? ? ? 1.426 ? ? 
metalc1  metalc ?    ? A GLU 4  OE1 ? ? ? 1_555 F CO  .  CO ? ? A GLU 4   B CO  102 1_556 ? ? ? ? ? ? ? 2.088 ? ? 
metalc2  metalc ?    ? A HIS 7  NE2 ? ? ? 1_555 E CO  .  CO ? ? A HIS 7   B CO  101 1_656 ? ? ? ? ? ? ? 2.115 ? ? 
metalc3  metalc ?    ? G HOH .  O   ? ? ? 1_554 E CO  .  CO ? ? A HOH 202 B CO  101 1_555 ? ? ? ? ? ? ? 2.097 ? ? 
metalc4  metalc ?    ? G HOH .  O   ? ? ? 1_554 F CO  .  CO ? ? A HOH 203 B CO  102 1_555 ? ? ? ? ? ? ? 2.108 ? ? 
metalc5  metalc ?    ? G HOH .  O   ? ? ? 1_554 F CO  .  CO ? ? A HOH 208 B CO  102 1_555 ? ? ? ? ? ? ? 2.153 ? ? 
metalc6  metalc ?    ? G HOH .  O   ? ? ? 1_454 E CO  .  CO ? ? A HOH 210 B CO  101 1_555 ? ? ? ? ? ? ? 2.090 ? ? 
metalc7  metalc ?    ? G HOH .  O   ? ? ? 1_554 E CO  .  CO ? ? A HOH 213 B CO  101 1_555 ? ? ? ? ? ? ? 2.140 ? ? 
metalc8  metalc ?    ? B GLU 4  OE1 ? ? ? 1_555 E CO  .  CO ? ? B GLU 4   B CO  101 1_555 ? ? ? ? ? ? ? 2.103 ? ? 
metalc9  metalc ?    ? B HIS 7  NE2 ? ? ? 1_555 F CO  .  CO ? ? B HIS 7   B CO  102 1_555 ? ? ? ? ? ? ? 2.135 ? ? 
metalc10 metalc ?    ? E CO  .  CO  ? ? ? 1_555 H HOH .  O  ? ? B CO  101 B HOH 201 1_555 ? ? ? ? ? ? ? 2.124 ? ? 
metalc11 metalc ?    ? F CO  .  CO  ? ? ? 1_555 H HOH .  O  ? ? B CO  102 B HOH 202 1_655 ? ? ? ? ? ? ? 2.107 ? ? 
metalc12 metalc ?    ? F CO  .  CO  ? ? ? 1_555 H HOH .  O  ? ? B CO  102 B HOH 207 1_655 ? ? ? ? ? ? ? 2.118 ? ? 
# 
loop_
_struct_conn_type.id 
_struct_conn_type.criteria 
_struct_conn_type.reference 
covale ? ? 
metalc ? ? 
# 
loop_
_pdbx_struct_conn_angle.id 
_pdbx_struct_conn_angle.ptnr1_label_atom_id 
_pdbx_struct_conn_angle.ptnr1_label_alt_id 
_pdbx_struct_conn_angle.ptnr1_label_asym_id 
_pdbx_struct_conn_angle.ptnr1_label_comp_id 
_pdbx_struct_conn_angle.ptnr1_label_seq_id 
_pdbx_struct_conn_angle.ptnr1_auth_atom_id 
_pdbx_struct_conn_angle.ptnr1_auth_asym_id 
_pdbx_struct_conn_angle.ptnr1_auth_comp_id 
_pdbx_struct_conn_angle.ptnr1_auth_seq_id 
_pdbx_struct_conn_angle.ptnr1_PDB_ins_code 
_pdbx_struct_conn_angle.ptnr1_symmetry 
_pdbx_struct_conn_angle.ptnr2_label_atom_id 
_pdbx_struct_conn_angle.ptnr2_label_alt_id 
_pdbx_struct_conn_angle.ptnr2_label_asym_id 
_pdbx_struct_conn_angle.ptnr2_label_comp_id 
_pdbx_struct_conn_angle.ptnr2_label_seq_id 
_pdbx_struct_conn_angle.ptnr2_auth_atom_id 
_pdbx_struct_conn_angle.ptnr2_auth_asym_id 
_pdbx_struct_conn_angle.ptnr2_auth_comp_id 
_pdbx_struct_conn_angle.ptnr2_auth_seq_id 
_pdbx_struct_conn_angle.ptnr2_PDB_ins_code 
_pdbx_struct_conn_angle.ptnr2_symmetry 
_pdbx_struct_conn_angle.ptnr3_label_atom_id 
_pdbx_struct_conn_angle.ptnr3_label_alt_id 
_pdbx_struct_conn_angle.ptnr3_label_asym_id 
_pdbx_struct_conn_angle.ptnr3_label_comp_id 
_pdbx_struct_conn_angle.ptnr3_label_seq_id 
_pdbx_struct_conn_angle.ptnr3_auth_atom_id 
_pdbx_struct_conn_angle.ptnr3_auth_asym_id 
_pdbx_struct_conn_angle.ptnr3_auth_comp_id 
_pdbx_struct_conn_angle.ptnr3_auth_seq_id 
_pdbx_struct_conn_angle.ptnr3_PDB_ins_code 
_pdbx_struct_conn_angle.ptnr3_symmetry 
_pdbx_struct_conn_angle.value 
_pdbx_struct_conn_angle.value_esd 
1  OE1 ? A GLU 4 ? A GLU 4   ? 1_555 CO ? F CO . ? B CO 102 ? 1_556 O   ? G HOH . ? A HOH 203 ? 1_554 48.2 ? 
2  OE1 ? A GLU 4 ? A GLU 4   ? 1_555 CO ? F CO . ? B CO 102 ? 1_556 O   ? G HOH . ? A HOH 208 ? 1_554 50.5 ? 
3  O   ? G HOH . ? A HOH 203 ? 1_554 CO ? F CO . ? B CO 102 ? 1_556 O   ? G HOH . ? A HOH 208 ? 1_554 6.3  ? 
4  OE1 ? A GLU 4 ? A GLU 4   ? 1_555 CO ? F CO . ? B CO 102 ? 1_556 NE2 ? B HIS 7 ? B HIS 7   ? 1_555 43.6 ? 
5  O   ? G HOH . ? A HOH 203 ? 1_554 CO ? F CO . ? B CO 102 ? 1_556 NE2 ? B HIS 7 ? B HIS 7   ? 1_555 5.9  ? 
6  O   ? G HOH . ? A HOH 208 ? 1_554 CO ? F CO . ? B CO 102 ? 1_556 NE2 ? B HIS 7 ? B HIS 7   ? 1_555 7.2  ? 
7  OE1 ? A GLU 4 ? A GLU 4   ? 1_555 CO ? F CO . ? B CO 102 ? 1_556 O   ? H HOH . ? B HOH 202 ? 1_655 51.2 ? 
8  O   ? G HOH . ? A HOH 203 ? 1_554 CO ? F CO . ? B CO 102 ? 1_556 O   ? H HOH . ? B HOH 202 ? 1_655 5.8  ? 
9  O   ? G HOH . ? A HOH 208 ? 1_554 CO ? F CO . ? B CO 102 ? 1_556 O   ? H HOH . ? B HOH 202 ? 1_655 1.2  ? 
10 NE2 ? B HIS 7 ? B HIS 7   ? 1_555 CO ? F CO . ? B CO 102 ? 1_556 O   ? H HOH . ? B HOH 202 ? 1_655 7.7  ? 
11 OE1 ? A GLU 4 ? A GLU 4   ? 1_555 CO ? F CO . ? B CO 102 ? 1_556 O   ? H HOH . ? B HOH 207 ? 1_655 47.1 ? 
12 O   ? G HOH . ? A HOH 203 ? 1_554 CO ? F CO . ? B CO 102 ? 1_556 O   ? H HOH . ? B HOH 207 ? 1_655 9.7  ? 
13 O   ? G HOH . ? A HOH 208 ? 1_554 CO ? F CO . ? B CO 102 ? 1_556 O   ? H HOH . ? B HOH 207 ? 1_655 5.3  ? 
14 NE2 ? B HIS 7 ? B HIS 7   ? 1_555 CO ? F CO . ? B CO 102 ? 1_556 O   ? H HOH . ? B HOH 207 ? 1_655 6.7  ? 
15 O   ? H HOH . ? B HOH 202 ? 1_655 CO ? F CO . ? B CO 102 ? 1_556 O   ? H HOH . ? B HOH 207 ? 1_655 6.5  ? 
16 NE2 ? A HIS 7 ? A HIS 7   ? 1_555 CO ? E CO . ? B CO 101 ? 1_656 O   ? G HOH . ? A HOH 202 ? 1_554 38.0 ? 
17 NE2 ? A HIS 7 ? A HIS 7   ? 1_555 CO ? E CO . ? B CO 101 ? 1_656 O   ? G HOH . ? A HOH 210 ? 1_454 42.0 ? 
18 O   ? G HOH . ? A HOH 202 ? 1_554 CO ? E CO . ? B CO 101 ? 1_656 O   ? G HOH . ? A HOH 210 ? 1_454 5.7  ? 
19 NE2 ? A HIS 7 ? A HIS 7   ? 1_555 CO ? E CO . ? B CO 101 ? 1_656 O   ? G HOH . ? A HOH 213 ? 1_554 41.6 ? 
20 O   ? G HOH . ? A HOH 202 ? 1_554 CO ? E CO . ? B CO 101 ? 1_656 O   ? G HOH . ? A HOH 213 ? 1_554 6.3  ? 
21 O   ? G HOH . ? A HOH 210 ? 1_454 CO ? E CO . ? B CO 101 ? 1_656 O   ? G HOH . ? A HOH 213 ? 1_554 1.3  ? 
22 NE2 ? A HIS 7 ? A HIS 7   ? 1_555 CO ? E CO . ? B CO 101 ? 1_656 OE1 ? B GLU 4 ? B GLU 4   ? 1_555 34.4 ? 
23 O   ? G HOH . ? A HOH 202 ? 1_554 CO ? E CO . ? B CO 101 ? 1_656 OE1 ? B GLU 4 ? B GLU 4   ? 1_555 6.6  ? 
24 O   ? G HOH . ? A HOH 210 ? 1_454 CO ? E CO . ? B CO 101 ? 1_656 OE1 ? B GLU 4 ? B GLU 4   ? 1_555 7.9  ? 
25 O   ? G HOH . ? A HOH 213 ? 1_554 CO ? E CO . ? B CO 101 ? 1_656 OE1 ? B GLU 4 ? B GLU 4   ? 1_555 7.2  ? 
26 NE2 ? A HIS 7 ? A HIS 7   ? 1_555 CO ? E CO . ? B CO 101 ? 1_656 O   ? H HOH . ? B HOH 201 ? 1_555 39.5 ? 
27 O   ? G HOH . ? A HOH 202 ? 1_554 CO ? E CO . ? B CO 101 ? 1_656 O   ? H HOH . ? B HOH 201 ? 1_555 9.4  ? 
28 O   ? G HOH . ? A HOH 210 ? 1_454 CO ? E CO . ? B CO 101 ? 1_656 O   ? H HOH . ? B HOH 201 ? 1_555 6.2  ? 
29 O   ? G HOH . ? A HOH 213 ? 1_554 CO ? E CO . ? B CO 101 ? 1_656 O   ? H HOH . ? B HOH 201 ? 1_555 4.9  ? 
30 OE1 ? B GLU 4 ? B GLU 4   ? 1_555 CO ? E CO . ? B CO 101 ? 1_656 O   ? H HOH . ? B HOH 201 ? 1_555 6.0  ? 
# 
loop_
_pdbx_modification_feature.ordinal 
_pdbx_modification_feature.label_comp_id 
_pdbx_modification_feature.label_asym_id 
_pdbx_modification_feature.label_seq_id 
_pdbx_modification_feature.label_alt_id 
_pdbx_modification_feature.modified_residue_label_comp_id 
_pdbx_modification_feature.modified_residue_label_asym_id 
_pdbx_modification_feature.modified_residue_label_seq_id 
_pdbx_modification_feature.modified_residue_label_alt_id 
_pdbx_modification_feature.auth_comp_id 
_pdbx_modification_feature.auth_asym_id 
_pdbx_modification_feature.auth_seq_id 
_pdbx_modification_feature.PDB_ins_code 
_pdbx_modification_feature.symmetry 
_pdbx_modification_feature.modified_residue_auth_comp_id 
_pdbx_modification_feature.modified_residue_auth_asym_id 
_pdbx_modification_feature.modified_residue_auth_seq_id 
_pdbx_modification_feature.modified_residue_PDB_ins_code 
_pdbx_modification_feature.modified_residue_symmetry 
_pdbx_modification_feature.comp_id_linking_atom 
_pdbx_modification_feature.modified_residue_id_linking_atom 
_pdbx_modification_feature.modified_residue_id 
_pdbx_modification_feature.ref_pcm_id 
_pdbx_modification_feature.ref_comp_id 
_pdbx_modification_feature.type 
_pdbx_modification_feature.category 
1  AIB A 3  ? .   . .  . AIB A 3  ? 1_555 .   . .  . .     . . ALA 1  AIB Methylation 'Named protein modification' 
2  AIB A 5  ? .   . .  . AIB A 5  ? 1_555 .   . .  . .     . . ALA 1  AIB Methylation 'Named protein modification' 
3  AIB A 9  ? .   . .  . AIB A 9  ? 1_555 .   . .  . .     . . ALA 1  AIB Methylation 'Named protein modification' 
4  AIB B 3  ? .   . .  . AIB B 3  ? 1_555 .   . .  . .     . . ALA 1  AIB Methylation 'Named protein modification' 
5  AIB B 5  ? .   . .  . AIB B 5  ? 1_555 .   . .  . .     . . ALA 1  AIB Methylation 'Named protein modification' 
6  AIB B 9  ? .   . .  . AIB B 9  ? 1_555 .   . .  . .     . . ALA 1  AIB Methylation 'Named protein modification' 
7  ACE A 1  ? LEU A 2  ? ACE A 1  ? 1_555 LEU A 2  ? 1_555 . . LEU 14 ACE None        'Terminal acetylation'       
8  ACE B 1  ? LEU B 2  ? ACE B 1  ? 1_555 LEU B 2  ? 1_555 . . LEU 14 ACE None        'Terminal acetylation'       
9  NH2 A 11 ? LEU A 10 ? NH2 A 11 ? 1_555 LEU A 10 ? 1_555 . . LEU 14 NH2 None        'Terminal amidation'         
10 NH2 B 11 ? LEU B 10 ? NH2 B 11 ? 1_555 LEU B 10 ? 1_555 . . LEU 14 NH2 None        'Terminal amidation'         
# 
_pdbx_entry_details.entry_id                   9EJV 
_pdbx_entry_details.nonpolymer_details         ? 
_pdbx_entry_details.sequence_details           ? 
_pdbx_entry_details.compound_details           ? 
_pdbx_entry_details.source_details             ? 
_pdbx_entry_details.has_ligand_of_interest     N 
_pdbx_entry_details.has_protein_modification   Y 
# 
_pdbx_validate_close_contact.id               1 
_pdbx_validate_close_contact.PDB_model_num    1 
_pdbx_validate_close_contact.auth_atom_id_1   C 
_pdbx_validate_close_contact.auth_asym_id_1   A 
_pdbx_validate_close_contact.auth_comp_id_1   LEU 
_pdbx_validate_close_contact.auth_seq_id_1    10 
_pdbx_validate_close_contact.PDB_ins_code_1   ? 
_pdbx_validate_close_contact.label_alt_id_1   ? 
_pdbx_validate_close_contact.auth_atom_id_2   HN1 
_pdbx_validate_close_contact.auth_asym_id_2   A 
_pdbx_validate_close_contact.auth_comp_id_2   NH2 
_pdbx_validate_close_contact.auth_seq_id_2    11 
_pdbx_validate_close_contact.PDB_ins_code_2   ? 
_pdbx_validate_close_contact.label_alt_id_2   ? 
_pdbx_validate_close_contact.dist             1.59 
# 
_space_group_symop.id              1 
_space_group_symop.operation_xyz   x,y,z 
# 
loop_
_chem_comp_atom.comp_id 
_chem_comp_atom.atom_id 
_chem_comp_atom.type_symbol 
_chem_comp_atom.pdbx_aromatic_flag 
_chem_comp_atom.pdbx_stereo_config 
_chem_comp_atom.pdbx_ordinal 
ACE C    C  N N 1   
ACE O    O  N N 2   
ACE CH3  C  N N 3   
ACE H    H  N N 4   
ACE H1   H  N N 5   
ACE H2   H  N N 6   
ACE H3   H  N N 7   
AIB N    N  N N 8   
AIB CA   C  N N 9   
AIB C    C  N N 10  
AIB O    O  N N 11  
AIB OXT  O  N N 12  
AIB CB1  C  N N 13  
AIB CB2  C  N N 14  
AIB H    H  N N 15  
AIB H2   H  N N 16  
AIB HXT  H  N N 17  
AIB HB11 H  N N 18  
AIB HB12 H  N N 19  
AIB HB13 H  N N 20  
AIB HB21 H  N N 21  
AIB HB22 H  N N 22  
AIB HB23 H  N N 23  
ARG N    N  N N 24  
ARG CA   C  N S 25  
ARG C    C  N N 26  
ARG O    O  N N 27  
ARG CB   C  N N 28  
ARG CG   C  N N 29  
ARG CD   C  N N 30  
ARG NE   N  N N 31  
ARG CZ   C  N N 32  
ARG NH1  N  N N 33  
ARG NH2  N  N N 34  
ARG OXT  O  N N 35  
ARG H    H  N N 36  
ARG H2   H  N N 37  
ARG HA   H  N N 38  
ARG HB2  H  N N 39  
ARG HB3  H  N N 40  
ARG HG2  H  N N 41  
ARG HG3  H  N N 42  
ARG HD2  H  N N 43  
ARG HD3  H  N N 44  
ARG HE   H  N N 45  
ARG HH11 H  N N 46  
ARG HH12 H  N N 47  
ARG HH21 H  N N 48  
ARG HH22 H  N N 49  
ARG HXT  H  N N 50  
CO  CO   CO N N 51  
GLU N    N  N N 52  
GLU CA   C  N S 53  
GLU C    C  N N 54  
GLU O    O  N N 55  
GLU CB   C  N N 56  
GLU CG   C  N N 57  
GLU CD   C  N N 58  
GLU OE1  O  N N 59  
GLU OE2  O  N N 60  
GLU OXT  O  N N 61  
GLU H    H  N N 62  
GLU H2   H  N N 63  
GLU HA   H  N N 64  
GLU HB2  H  N N 65  
GLU HB3  H  N N 66  
GLU HG2  H  N N 67  
GLU HG3  H  N N 68  
GLU HE2  H  N N 69  
GLU HXT  H  N N 70  
HIS N    N  N N 71  
HIS CA   C  N S 72  
HIS C    C  N N 73  
HIS O    O  N N 74  
HIS CB   C  N N 75  
HIS CG   C  Y N 76  
HIS ND1  N  Y N 77  
HIS CD2  C  Y N 78  
HIS CE1  C  Y N 79  
HIS NE2  N  Y N 80  
HIS OXT  O  N N 81  
HIS H    H  N N 82  
HIS H2   H  N N 83  
HIS HA   H  N N 84  
HIS HB2  H  N N 85  
HIS HB3  H  N N 86  
HIS HD1  H  N N 87  
HIS HD2  H  N N 88  
HIS HE1  H  N N 89  
HIS HE2  H  N N 90  
HIS HXT  H  N N 91  
HOH O    O  N N 92  
HOH H1   H  N N 93  
HOH H2   H  N N 94  
LEU N    N  N N 95  
LEU CA   C  N S 96  
LEU C    C  N N 97  
LEU O    O  N N 98  
LEU CB   C  N N 99  
LEU CG   C  N N 100 
LEU CD1  C  N N 101 
LEU CD2  C  N N 102 
LEU OXT  O  N N 103 
LEU H    H  N N 104 
LEU H2   H  N N 105 
LEU HA   H  N N 106 
LEU HB2  H  N N 107 
LEU HB3  H  N N 108 
LEU HG   H  N N 109 
LEU HD11 H  N N 110 
LEU HD12 H  N N 111 
LEU HD13 H  N N 112 
LEU HD21 H  N N 113 
LEU HD22 H  N N 114 
LEU HD23 H  N N 115 
LEU HXT  H  N N 116 
NH2 N    N  N N 117 
NH2 HN1  H  N N 118 
NH2 HN2  H  N N 119 
SO4 S    S  N N 120 
SO4 O1   O  N N 121 
SO4 O2   O  N N 122 
SO4 O3   O  N N 123 
SO4 O4   O  N N 124 
# 
loop_
_chem_comp_bond.comp_id 
_chem_comp_bond.atom_id_1 
_chem_comp_bond.atom_id_2 
_chem_comp_bond.value_order 
_chem_comp_bond.pdbx_aromatic_flag 
_chem_comp_bond.pdbx_stereo_config 
_chem_comp_bond.pdbx_ordinal 
ACE C   O    doub N N 1   
ACE C   CH3  sing N N 2   
ACE C   H    sing N N 3   
ACE CH3 H1   sing N N 4   
ACE CH3 H2   sing N N 5   
ACE CH3 H3   sing N N 6   
AIB N   CA   sing N N 7   
AIB N   H    sing N N 8   
AIB N   H2   sing N N 9   
AIB CA  C    sing N N 10  
AIB CA  CB1  sing N N 11  
AIB CA  CB2  sing N N 12  
AIB C   O    doub N N 13  
AIB C   OXT  sing N N 14  
AIB OXT HXT  sing N N 15  
AIB CB1 HB11 sing N N 16  
AIB CB1 HB12 sing N N 17  
AIB CB1 HB13 sing N N 18  
AIB CB2 HB21 sing N N 19  
AIB CB2 HB22 sing N N 20  
AIB CB2 HB23 sing N N 21  
ARG N   CA   sing N N 22  
ARG N   H    sing N N 23  
ARG N   H2   sing N N 24  
ARG CA  C    sing N N 25  
ARG CA  CB   sing N N 26  
ARG CA  HA   sing N N 27  
ARG C   O    doub N N 28  
ARG C   OXT  sing N N 29  
ARG CB  CG   sing N N 30  
ARG CB  HB2  sing N N 31  
ARG CB  HB3  sing N N 32  
ARG CG  CD   sing N N 33  
ARG CG  HG2  sing N N 34  
ARG CG  HG3  sing N N 35  
ARG CD  NE   sing N N 36  
ARG CD  HD2  sing N N 37  
ARG CD  HD3  sing N N 38  
ARG NE  CZ   sing N N 39  
ARG NE  HE   sing N N 40  
ARG CZ  NH1  sing N N 41  
ARG CZ  NH2  doub N N 42  
ARG NH1 HH11 sing N N 43  
ARG NH1 HH12 sing N N 44  
ARG NH2 HH21 sing N N 45  
ARG NH2 HH22 sing N N 46  
ARG OXT HXT  sing N N 47  
GLU N   CA   sing N N 48  
GLU N   H    sing N N 49  
GLU N   H2   sing N N 50  
GLU CA  C    sing N N 51  
GLU CA  CB   sing N N 52  
GLU CA  HA   sing N N 53  
GLU C   O    doub N N 54  
GLU C   OXT  sing N N 55  
GLU CB  CG   sing N N 56  
GLU CB  HB2  sing N N 57  
GLU CB  HB3  sing N N 58  
GLU CG  CD   sing N N 59  
GLU CG  HG2  sing N N 60  
GLU CG  HG3  sing N N 61  
GLU CD  OE1  doub N N 62  
GLU CD  OE2  sing N N 63  
GLU OE2 HE2  sing N N 64  
GLU OXT HXT  sing N N 65  
HIS N   CA   sing N N 66  
HIS N   H    sing N N 67  
HIS N   H2   sing N N 68  
HIS CA  C    sing N N 69  
HIS CA  CB   sing N N 70  
HIS CA  HA   sing N N 71  
HIS C   O    doub N N 72  
HIS C   OXT  sing N N 73  
HIS CB  CG   sing N N 74  
HIS CB  HB2  sing N N 75  
HIS CB  HB3  sing N N 76  
HIS CG  ND1  sing Y N 77  
HIS CG  CD2  doub Y N 78  
HIS ND1 CE1  doub Y N 79  
HIS ND1 HD1  sing N N 80  
HIS CD2 NE2  sing Y N 81  
HIS CD2 HD2  sing N N 82  
HIS CE1 NE2  sing Y N 83  
HIS CE1 HE1  sing N N 84  
HIS NE2 HE2  sing N N 85  
HIS OXT HXT  sing N N 86  
HOH O   H1   sing N N 87  
HOH O   H2   sing N N 88  
LEU N   CA   sing N N 89  
LEU N   H    sing N N 90  
LEU N   H2   sing N N 91  
LEU CA  C    sing N N 92  
LEU CA  CB   sing N N 93  
LEU CA  HA   sing N N 94  
LEU C   O    doub N N 95  
LEU C   OXT  sing N N 96  
LEU CB  CG   sing N N 97  
LEU CB  HB2  sing N N 98  
LEU CB  HB3  sing N N 99  
LEU CG  CD1  sing N N 100 
LEU CG  CD2  sing N N 101 
LEU CG  HG   sing N N 102 
LEU CD1 HD11 sing N N 103 
LEU CD1 HD12 sing N N 104 
LEU CD1 HD13 sing N N 105 
LEU CD2 HD21 sing N N 106 
LEU CD2 HD22 sing N N 107 
LEU CD2 HD23 sing N N 108 
LEU OXT HXT  sing N N 109 
NH2 N   HN1  sing N N 110 
NH2 N   HN2  sing N N 111 
SO4 S   O1   doub N N 112 
SO4 S   O2   doub N N 113 
SO4 S   O3   sing N N 114 
SO4 S   O4   sing N N 115 
# 
loop_
_pdbx_audit_support.funding_organization 
_pdbx_audit_support.country 
_pdbx_audit_support.grant_number 
_pdbx_audit_support.ordinal 
'National Institutes of Health/National Institute of General Medical Sciences (NIH/NIGMS)' 'United States' 1R35GM15479301    1 
'Department of Energy (DOE, United States)'                                                'United States' DE-AC02-06CH11357 2 
# 
_pdbx_initial_refinement_model.id               1 
_pdbx_initial_refinement_model.entity_id_list   ? 
_pdbx_initial_refinement_model.type             'experimental model' 
_pdbx_initial_refinement_model.source_name      PDB 
_pdbx_initial_refinement_model.accession_code   7TLS 
_pdbx_initial_refinement_model.details          ? 
# 
_space_group.name_H-M_alt     'P 1' 
_space_group.name_Hall        'P 1' 
_space_group.IT_number        1 
_space_group.crystal_system   triclinic 
_space_group.id               1 
# 
_atom_sites.entry_id                    9EJV 
_atom_sites.Cartn_transf_matrix[1][1]   ? 
_atom_sites.Cartn_transf_matrix[1][2]   ? 
_atom_sites.Cartn_transf_matrix[1][3]   ? 
_atom_sites.Cartn_transf_matrix[2][1]   ? 
_atom_sites.Cartn_transf_matrix[2][2]   ? 
_atom_sites.Cartn_transf_matrix[2][3]   ? 
_atom_sites.Cartn_transf_matrix[3][1]   ? 
_atom_sites.Cartn_transf_matrix[3][2]   ? 
_atom_sites.Cartn_transf_matrix[3][3]   ? 
_atom_sites.Cartn_transf_vector[1]      ? 
_atom_sites.Cartn_transf_vector[2]      ? 
_atom_sites.Cartn_transf_vector[3]      ? 
_atom_sites.Cartn_transform_axes        ? 
_atom_sites.fract_transf_matrix[1][1]   0.09683723 
_atom_sites.fract_transf_matrix[1][2]   0.02305345 
_atom_sites.fract_transf_matrix[1][3]   0.04686447 
_atom_sites.fract_transf_matrix[2][1]   -0.00546789 
_atom_sites.fract_transf_matrix[2][2]   0.05663122 
_atom_sites.fract_transf_matrix[2][3]   0.03321579 
_atom_sites.fract_transf_matrix[3][1]   -0.00679987 
_atom_sites.fract_transf_matrix[3][2]   -0.01308881 
_atom_sites.fract_transf_matrix[3][3]   0.03914325 
_atom_sites.fract_transf_vector[1]      0.275115 
_atom_sites.fract_transf_vector[2]      0.487009 
_atom_sites.fract_transf_vector[3]      0.173492 
_atom_sites.solution_primary            ? 
_atom_sites.solution_secondary          ? 
_atom_sites.solution_hydrogens          ? 
_atom_sites.special_details             ? 
# 
loop_
_atom_type.symbol 
_atom_type.scat_dispersion_real 
_atom_type.scat_dispersion_imag 
_atom_type.scat_Cromer_Mann_a1 
_atom_type.scat_Cromer_Mann_a2 
_atom_type.scat_Cromer_Mann_a3 
_atom_type.scat_Cromer_Mann_a4 
_atom_type.scat_Cromer_Mann_b1 
_atom_type.scat_Cromer_Mann_b2 
_atom_type.scat_Cromer_Mann_b3 
_atom_type.scat_Cromer_Mann_b4 
_atom_type.scat_Cromer_Mann_c 
_atom_type.scat_source 
_atom_type.scat_dispersion_source 
C  ? ? 2.51340  1.74867 1.72398 ? 31.80534 0.44561  10.58317 ? 0.0 
;3-Gaussian fit: Grosse-Kunstleve RW, Sauter NK, Adams PD: Newsletter of the IUCr Commission on Crystallographic Computing 2004, 3, 22-31.
;
? 
CO ? ? 14.25116 9.13684 3.55259 ? 5.36759  0.30544  48.44770 ? 0.0 
;3-Gaussian fit: Grosse-Kunstleve RW, Sauter NK, Adams PD: Newsletter of the IUCr Commission on Crystallographic Computing 2004, 3, 22-31.
;
? 
H  ? ? 0.53795  0.34799 0.11320 ? 10.08003 29.74760 2.57510  ? 0.0 
;3-Gaussian fit: Grosse-Kunstleve RW, Sauter NK, Adams PD: Newsletter of the IUCr Commission on Crystallographic Computing 2004, 3, 22-31.
;
? 
N  ? ? 2.99955  2.25584 1.72788 ? 23.27268 7.45433  0.31622  ? 0.0 
;3-Gaussian fit: Grosse-Kunstleve RW, Sauter NK, Adams PD: Newsletter of the IUCr Commission on Crystallographic Computing 2004, 3, 22-31.
;
? 
O  ? ? 4.49882  3.47563 ?       ? 15.80542 1.70748  ?        ? 0.0 
;2-Gaussian fit: Grosse-Kunstleve RW, Sauter NK, Adams PD: Newsletter of the IUCr Commission on Crystallographic Computing 2004, 3, 22-31.
;
? 
S  ? ? 9.55732  6.39887 ?       ? 1.23737  29.19336 ?        ? 0.0 
;2-Gaussian fit: Grosse-Kunstleve RW, Sauter NK, Adams PD: Newsletter of the IUCr Commission on Crystallographic Computing 2004, 3, 22-31.
;
? 
# 
loop_
_atom_site.group_PDB 
_atom_site.id 
_atom_site.type_symbol 
_atom_site.label_atom_id 
_atom_site.label_alt_id 
_atom_site.label_comp_id 
_atom_site.label_asym_id 
_atom_site.label_entity_id 
_atom_site.label_seq_id 
_atom_site.pdbx_PDB_ins_code 
_atom_site.Cartn_x 
_atom_site.Cartn_y 
_atom_site.Cartn_z 
_atom_site.occupancy 
_atom_site.B_iso_or_equiv 
_atom_site.pdbx_formal_charge 
_atom_site.auth_seq_id 
_atom_site.auth_comp_id 
_atom_site.auth_asym_id 
_atom_site.auth_atom_id 
_atom_site.pdbx_PDB_model_num 
HETATM 1   C  C    . ACE A 1 1  ? -3.84020 0.71832   4.86786   1.000 4.32020  ? 1   ACE A C    1 
HETATM 2   O  O    . ACE A 1 1  ? -3.72965 -0.54996  4.78102   1.000 4.75178  ? 1   ACE A O    1 
HETATM 3   C  CH3  . ACE A 1 1  ? -4.73590 1.28321   5.93170   1.000 5.30973  ? 1   ACE A CH3  1 
HETATM 4   H  H1   . ACE A 1 1  ? -4.23830 1.43270   6.75081   1.000 6.37275  ? 1   ACE A H1   1 
HETATM 5   H  H2   . ACE A 1 1  ? -5.46411 0.67161   6.12287   1.000 6.37275  ? 1   ACE A H2   1 
HETATM 6   H  H3   . ACE A 1 1  ? -5.11370 2.12903   5.64402   1.000 6.37275  ? 1   ACE A H3   1 
ATOM   7   N  N    . LEU A 1 2  ? -3.03075 1.59492   4.10291   1.000 3.77708  ? 2   LEU A N    1 
ATOM   8   C  CA   . LEU A 1 2  ? -2.25233 1.03475   3.01973   1.000 3.81276  ? 2   LEU A CA   1 
ATOM   9   C  C    . LEU A 1 2  ? -1.00934 0.30073   3.54132   1.000 3.65356  ? 2   LEU A C    1 
ATOM   10  O  O    . LEU A 1 2  ? -0.65584 -0.75345  3.02372   1.000 4.03667  ? 2   LEU A O    1 
ATOM   11  C  CB   . LEU A 1 2  ? -1.85528 2.16061   2.07273   1.000 5.04316  ? 2   LEU A CB   1 
ATOM   12  C  CG   . LEU A 1 2  ? -3.05036 2.82588   1.37161   1.000 6.28923  ? 2   LEU A CG   1 
ATOM   13  C  CD1  . LEU A 1 2  ? -2.64631 4.13313   0.74816   1.000 7.82656  ? 2   LEU A CD1  1 
ATOM   14  C  CD2  . LEU A 1 2  ? -3.63985 1.90807   0.31590   1.000 8.73100  ? 2   LEU A CD2  1 
ATOM   15  H  H    . LEU A 1 2  ? -2.70869 2.32130   4.43121   1.000 4.53358  ? 2   LEU A H    1 
ATOM   16  H  HA   . LEU A 1 2  ? -2.77836 0.38069   2.53352   1.000 4.57639  ? 2   LEU A HA   1 
ATOM   17  H  HB2  . LEU A 1 2  ? -1.38945 2.84424   2.57924   1.000 6.05288  ? 2   LEU A HB2  1 
ATOM   18  H  HB3  . LEU A 1 2  ? -1.27144 1.79995   1.38720   1.000 6.05288  ? 2   LEU A HB3  1 
ATOM   19  H  HG   . LEU A 1 2  ? -3.73321 3.00271   2.03746   1.000 7.54816  ? 2   LEU A HG   1 
ATOM   20  H  HD11 . LEU A 1 2  ? -3.42044 4.53181   0.32075   1.000 9.39295  ? 2   LEU A HD11 1 
ATOM   21  H  HD12 . LEU A 1 2  ? -2.31060 4.72308   1.44110   1.000 9.39295  ? 2   LEU A HD12 1 
ATOM   22  H  HD13 . LEU A 1 2  ? -1.95331 3.96819   0.08981   1.000 9.39295  ? 2   LEU A HD13 1 
ATOM   23  H  HD21 . LEU A 1 2  ? -4.38660 2.35641   -0.11100  1.000 10.47828 ? 2   LEU A HD21 1 
ATOM   24  H  HD22 . LEU A 1 2  ? -2.95686 1.70369   -0.34187  1.000 10.47828 ? 2   LEU A HD22 1 
ATOM   25  H  HD23 . LEU A 1 2  ? -3.94396 1.09131   0.74170   1.000 10.47828 ? 2   LEU A HD23 1 
HETATM 26  N  N    . AIB A 1 3  ? -0.34218 0.86799   4.54601   1.000 3.99197  ? 3   AIB A N    1 
HETATM 27  C  CA   . AIB A 1 3  ? 0.79953  0.21418   5.15323   1.000 4.25167  ? 3   AIB A CA   1 
HETATM 28  C  C    . AIB A 1 3  ? 0.44763  -1.22444  5.56160   1.000 4.01422  ? 3   AIB A C    1 
HETATM 29  O  O    . AIB A 1 3  ? 1.17128  -2.19161  5.33577   1.000 4.06763  ? 3   AIB A O    1 
HETATM 30  C  CB1  . AIB A 1 3  ? 2.00704  0.20296   4.20124   1.000 4.93971  ? 3   AIB A CB1  1 
HETATM 31  C  CB2  . AIB A 1 3  ? 1.22633  0.91771   6.45180   1.000 5.01264  ? 3   AIB A CB2  1 
HETATM 32  H  H    . AIB A 1 3  ? -0.72681 1.55270   5.16668   1.000 4.79145  ? 3   AIB A H    1 
HETATM 33  H  HB11 . AIB A 1 3  ? 2.84975  -0.35981  4.66879   1.000 5.92874  ? 3   AIB A HB11 1 
HETATM 34  H  HB12 . AIB A 1 3  ? 1.72435  -0.28957  3.24053   1.000 5.92874  ? 3   AIB A HB12 1 
HETATM 35  H  HB13 . AIB A 1 3  ? 2.33372  1.25002   3.99533   1.000 5.92874  ? 3   AIB A HB13 1 
HETATM 36  H  HB21 . AIB A 1 3  ? 2.03482  0.32188   6.94072   1.000 6.01625  ? 3   AIB A HB21 1 
HETATM 37  H  HB22 . AIB A 1 3  ? 1.60363  1.93988   6.20583   1.000 6.01625  ? 3   AIB A HB22 1 
HETATM 38  H  HB23 . AIB A 1 3  ? 0.34437  0.99216   7.13318   1.000 6.01625  ? 3   AIB A HB23 1 
ATOM   39  N  N    . GLU A 1 4  ? -0.71667 -1.34736  6.19175   1.000 3.77227  ? 4   GLU A N    1 
ATOM   40  C  CA   . GLU A 1 4  ? -1.16489 -2.63368  6.70167   1.000 4.02164  ? 4   GLU A CA   1 
ATOM   41  C  C    . GLU A 1 4  ? -1.52557 -3.58305  5.56596   1.000 3.67948  ? 4   GLU A C    1 
ATOM   42  O  O    . GLU A 1 4  ? -1.14036 -4.75168  5.58788   1.000 3.97650  ? 4   GLU A O    1 
ATOM   43  C  CB   . GLU A 1 4  ? -2.36066 -2.45673  7.63605   1.000 5.07168  ? 4   GLU A CB   1 
ATOM   44  C  CG   . GLU A 1 4  ? -2.79058 -3.75210  8.31718   1.000 5.32636  ? 4   GLU A CG   1 
ATOM   45  C  CD   . GLU A 1 4  ? -1.70187 -4.36414  9.18226   1.000 6.14201  ? 4   GLU A CD   1 
ATOM   46  O  OE1  . GLU A 1 4  ? -1.06434 -3.61283  9.95071   1.000 6.24353  ? 4   GLU A OE1  1 
ATOM   47  O  OE2  . GLU A 1 4  ? -1.48669 -5.59503  9.09056   1.000 6.91805  ? 4   GLU A OE2  1 
ATOM   48  H  H    . GLU A 1 4  ? -1.26359 -0.69942  6.33551   1.000 4.52780  ? 4   GLU A H    1 
ATOM   49  H  HA   . GLU A 1 4  ? -0.44284 -3.03535  7.20981   1.000 4.82705  ? 4   GLU A HA   1 
ATOM   50  H  HB2  . GLU A 1 4  ? -2.12589 -1.81942  8.32860   1.000 6.08709  ? 4   GLU A HB2  1 
ATOM   51  H  HB3  . GLU A 1 4  ? -3.11390 -2.12584  7.12222   1.000 6.08709  ? 4   GLU A HB3  1 
ATOM   52  H  HG2  . GLU A 1 4  ? -3.55526 -3.56963  8.88540   1.000 6.39271  ? 4   GLU A HG2  1 
ATOM   53  H  HG3  . GLU A 1 4  ? -3.03013 -4.40051  7.63668   1.000 6.39271  ? 4   GLU A HG3  1 
HETATM 54  N  N    . AIB A 1 5  ? -2.25347 -3.08041  4.57453   1.000 3.98905  ? 5   AIB A N    1 
HETATM 55  C  CA   . AIB A 1 5  ? -2.61622 -3.87847  3.42482   1.000 3.88128  ? 5   AIB A CA   1 
HETATM 56  C  C    . AIB A 1 5  ? -1.36861 -4.50717  2.79250   1.000 3.40920  ? 5   AIB A C    1 
HETATM 57  O  O    . AIB A 1 5  ? -1.32030 -5.66235  2.40539   1.000 3.70439  ? 5   AIB A O    1 
HETATM 58  C  CB1  . AIB A 1 5  ? -3.59938 -5.00383  3.79420   1.000 4.34433  ? 5   AIB A CB1  1 
HETATM 59  C  CB2  . AIB A 1 5  ? -3.25123 -2.98021  2.34889   1.000 4.19807  ? 5   AIB A CB2  1 
HETATM 60  H  H    . AIB A 1 5  ? -2.87338 -2.29999  4.66761   1.000 4.78794  ? 5   AIB A H    1 
HETATM 61  H  HB11 . AIB A 1 5  ? -3.87463 -5.57886  2.87821   1.000 5.21427  ? 5   AIB A HB11 1 
HETATM 62  H  HB12 . AIB A 1 5  ? -3.12290 -5.69294  4.53146   1.000 5.21427  ? 5   AIB A HB12 1 
HETATM 63  H  HB13 . AIB A 1 5  ? -4.52179 -4.56521  4.24388   1.000 5.21427  ? 5   AIB A HB13 1 
HETATM 64  H  HB21 . AIB A 1 5  ? -3.54488 -3.61025  1.47453   1.000 5.03877  ? 5   AIB A HB21 1 
HETATM 65  H  HB22 . AIB A 1 5  ? -4.15375 -2.48046  2.77712   1.000 5.03877  ? 5   AIB A HB22 1 
HETATM 66  H  HB23 . AIB A 1 5  ? -2.50664 -2.21112  2.02987   1.000 5.03877  ? 5   AIB A HB23 1 
ATOM   67  N  N    . LEU A 1 6  ? -0.32653 -3.68461  2.69918   1.000 3.24751  ? 6   LEU A N    1 
ATOM   68  C  CA   . LEU A 1 6  ? 0.93337  -4.11491  2.11092   1.000 3.33809  ? 6   LEU A CA   1 
ATOM   69  C  C    . LEU A 1 6  ? 1.65654  -5.14336  2.98412   1.000 3.23263  ? 6   LEU A C    1 
ATOM   70  O  O    . LEU A 1 6  ? 2.20743  -6.11241  2.47337   1.000 3.94047  ? 6   LEU A O    1 
ATOM   71  C  CB   . LEU A 1 6  ? 1.82773  -2.90827  1.84278   1.000 4.05019  ? 6   LEU A CB   1 
ATOM   72  C  CG   . LEU A 1 6  ? 3.14203  -3.18761  1.11755   1.000 5.23581  ? 6   LEU A CG   1 
ATOM   73  C  CD1  . LEU A 1 6  ? 2.89950  -3.77915  -0.25133  1.000 5.54824  ? 6   LEU A CD1  1 
ATOM   74  C  CD2  . LEU A 1 6  ? 3.93363  -1.90334  0.99109   1.000 5.77852  ? 6   LEU A CD2  1 
ATOM   75  H  H    . LEU A 1 6  ? -0.32629 -2.86880  2.97129   1.000 3.89809  ? 6   LEU A H    1 
ATOM   76  H  HA   . LEU A 1 6  ? 0.74874  -4.55022  1.26397   1.000 4.00679  ? 6   LEU A HA   1 
ATOM   77  H  HB2  . LEU A 1 6  ? 1.32914  -2.27889  1.29855   1.000 4.86131  ? 6   LEU A HB2  1 
ATOM   78  H  HB3  . LEU A 1 6  ? 2.05216  -2.50433  2.69564   1.000 4.86131  ? 6   LEU A HB3  1 
ATOM   79  H  HG   . LEU A 1 6  ? 3.65253  -3.83338  1.63064   1.000 6.28405  ? 6   LEU A HG   1 
ATOM   80  H  HD11 . LEU A 1 6  ? 3.74213  -3.82420  -0.72971  1.000 6.65897  ? 6   LEU A HD11 1 
ATOM   81  H  HD12 . LEU A 1 6  ? 2.52900  -4.66980  -0.14935  1.000 6.65897  ? 6   LEU A HD12 1 
ATOM   82  H  HD13 . LEU A 1 6  ? 2.27527  -3.21443  -0.73333  1.000 6.65897  ? 6   LEU A HD13 1 
ATOM   83  H  HD21 . LEU A 1 6  ? 4.77439  -2.09311  0.54612   1.000 6.93530  ? 6   LEU A HD21 1 
ATOM   84  H  HD22 . LEU A 1 6  ? 3.42030  -1.26593  0.47042   1.000 6.93530  ? 6   LEU A HD22 1 
ATOM   85  H  HD23 . LEU A 1 6  ? 4.10157  -1.54729  1.87762   1.000 6.93530  ? 6   LEU A HD23 1 
ATOM   86  N  N    . HIS A 1 7  ? 1.62656  -4.94671  4.30556   1.000 3.63993  ? 7   HIS A N    1 
ATOM   87  C  CA   . HIS A 1 7  ? 2.15121  -5.95864  5.21478   1.000 3.79639  ? 7   HIS A CA   1 
ATOM   88  C  C    . HIS A 1 7  ? 1.48527  -7.30266  4.95530   1.000 3.79157  ? 7   HIS A C    1 
ATOM   89  O  O    . HIS A 1 7  ? 2.15704  -8.33282  4.84147   1.000 4.39431  ? 7   HIS A O    1 
ATOM   90  C  CB   . HIS A 1 7  ? 1.94563  -5.50948  6.66359   1.000 3.82093  ? 7   HIS A CB   1 
ATOM   91  C  CG   . HIS A 1 7  ? 2.46263  -6.47777  7.68919   1.000 3.92718  ? 7   HIS A CG   1 
ATOM   92  N  ND1  . HIS A 1 7  ? 1.72261  -7.54605  8.15335   1.000 4.51765  ? 7   HIS A ND1  1 
ATOM   93  C  CD2  . HIS A 1 7  ? 3.64613  -6.52765  8.34770   1.000 4.20541  ? 7   HIS A CD2  1 
ATOM   94  C  CE1  . HIS A 1 7  ? 2.43319  -8.21170  9.05000   1.000 4.58951  ? 7   HIS A CE1  1 
ATOM   95  N  NE2  . HIS A 1 7  ? 3.60529  -7.61636  9.18609   1.000 4.63140  ? 7   HIS A NE2  1 
ATOM   96  H  H    . HIS A 1 7  ? 1.31199  -4.24579  4.69202   1.000 4.36900  ? 7   HIS A H    1 
ATOM   97  H  HA   . HIS A 1 7  ? 3.10513  -6.06193  5.07237   1.000 4.55675  ? 7   HIS A HA   1 
ATOM   98  H  HB2  . HIS A 1 7  ? 2.40790  -4.66698  6.79546   1.000 4.58619  ? 7   HIS A HB2  1 
ATOM   99  H  HB3  . HIS A 1 7  ? 0.99534  -5.39459  6.82059   1.000 4.58619  ? 7   HIS A HB3  1 
ATOM   100 H  HD1  . HIS A 1 7  ? 0.92580  -7.74745  7.90012   1.000 5.42226  ? 7   HIS A HD1  1 
ATOM   101 H  HD2  . HIS A 1 7  ? 4.35560  -5.93431  8.25029   1.000 5.04757  ? 7   HIS A HD2  1 
ATOM   102 H  HE1  . HIS A 1 7  ? 2.15421  -8.97159  9.50787   1.000 5.50849  ? 7   HIS A HE1  1 
ATOM   103 N  N    . ARG A 1 8  ? 0.16162  -7.31565  4.84230   1.000 3.61247  ? 8   ARG A N    1 
ATOM   104 C  CA   . ARG A 1 8  ? -0.54508 -8.57203  4.60857   1.000 4.00426  ? 8   ARG A CA   1 
ATOM   105 C  C    . ARG A 1 8  ? -0.15991 -9.18007  3.26019   1.000 3.78406  ? 8   ARG A C    1 
ATOM   106 O  O    . ARG A 1 8  ? 0.18321  -10.35753 3.17472   1.000 4.29873  ? 8   ARG A O    1 
ATOM   107 C  CB   . ARG A 1 8  ? -2.05471 -8.39026  4.68969   1.000 4.47841  ? 8   ARG A CB   1 
ATOM   108 C  CG   . ARG A 1 8  ? -2.75982 -9.72856  4.58317   1.000 5.32371  ? 8   ARG A CG   1 
ATOM   109 C  CD   . ARG A 1 8  ? -4.25664 -9.67301  4.64351   1.000 5.59513  ? 8   ARG A CD   1 
ATOM   110 N  NE   . ARG A 1 8  ? -4.74449 -11.00942 4.95186   1.000 6.86307  ? 8   ARG A NE   1 
ATOM   111 C  CZ   . ARG A 1 8  ? -6.01670 -11.32433 5.13264   1.000 7.17267  ? 8   ARG A CZ   1 
ATOM   112 N  NH1  . ARG A 1 8  ? -6.97113 -10.42571 4.98826   1.000 6.17973  ? 8   ARG A NH1  1 
ATOM   113 N  NH2  . ARG A 1 8  ? -6.33458 -12.56631 5.49018   1.000 8.15973  ? 8   ARG A NH2  1 
ATOM   114 H  H    . ARG A 1 8  ? -0.34323 -6.62152  4.89624   1.000 4.33605  ? 8   ARG A H    1 
ATOM   115 H  HA   . ARG A 1 8  ? -0.29170 -9.19533  5.30728   1.000 4.80620  ? 8   ARG A HA   1 
ATOM   116 H  HB2  . ARG A 1 8  ? -2.28695 -7.98494  5.53980   1.000 5.37517  ? 8   ARG A HB2  1 
ATOM   117 H  HB3  . ARG A 1 8  ? -2.35253 -7.82464  3.96011   1.000 5.37517  ? 8   ARG A HB3  1 
ATOM   118 H  HG2  . ARG A 1 8  ? -2.52040 -10.13434 3.73528   1.000 6.38954  ? 8   ARG A HG2  1 
ATOM   119 H  HG3  . ARG A 1 8  ? -2.46249 -10.29064 5.31566   1.000 6.38954  ? 8   ARG A HG3  1 
ATOM   120 H  HD2  . ARG A 1 8  ? -4.54064 -9.06051  5.34000   1.000 6.71523  ? 8   ARG A HD2  1 
ATOM   121 H  HD3  . ARG A 1 8  ? -4.61551 -9.39139  3.78747   1.000 6.71523  ? 8   ARG A HD3  1 
ATOM   122 H  HE   . ARG A 1 8  ? -4.16371 -11.63986 5.02157   1.000 8.23676  ? 8   ARG A HE   1 
ATOM   123 H  HH11 . ARG A 1 8  ? -6.77167 -9.61742  4.77267   1.000 7.41675  ? 8   ARG A HH11 1 
ATOM   124 H  HH12 . ARG A 1 8  ? -7.79298 -10.64803 5.10969   1.000 7.41675  ? 8   ARG A HH12 1 
ATOM   125 H  HH21 . ARG A 1 8  ? -5.71609 -13.15349 5.60107   1.000 9.79275  ? 8   ARG A HH21 1 
ATOM   126 H  HH22 . ARG A 1 8  ? -7.15846 -12.78165 5.61031   1.000 9.79275  ? 8   ARG A HH22 1 
HETATM 127 N  N    . AIB A 1 9  ? -0.21553 -8.37188  2.20981   1.000 4.05564  ? 9   AIB A N    1 
HETATM 128 C  CA   . AIB A 1 9  ? 0.09935  -8.81039  0.87467   1.000 4.34692  ? 9   AIB A CA   1 
HETATM 129 C  C    . AIB A 1 9  ? 1.46524  -9.48656  0.78569   1.000 4.23950  ? 9   AIB A C    1 
HETATM 130 O  O    . AIB A 1 9  ? 1.66424  -10.50682 0.13759   1.000 4.49537  ? 9   AIB A O    1 
HETATM 131 C  CB1  . AIB A 1 9  ? -0.94282 -9.79977  0.33639   1.000 5.16161  ? 9   AIB A CB1  1 
HETATM 132 C  CB2  . AIB A 1 9  ? 0.16569  -7.58948  -0.05723  1.000 4.58072  ? 9   AIB A CB2  1 
HETATM 133 H  H    . AIB A 1 9  ? -0.78102 -7.54694  2.16872   1.000 4.86785  ? 9   AIB A H    1 
HETATM 134 H  HB11 . AIB A 1 9  ? -0.64557 -10.14179 -0.68348  1.000 6.19501  ? 9   AIB A HB11 1 
HETATM 135 H  HB12 . AIB A 1 9  ? -1.00932 -10.68292 1.01541   1.000 6.19501  ? 9   AIB A HB12 1 
HETATM 136 H  HB13 . AIB A 1 9  ? -1.94045 -9.30262  0.28114   1.000 6.19501  ? 9   AIB A HB13 1 
HETATM 137 H  HB21 . AIB A 1 9  ? 0.45048  -7.92841  -1.08276  1.000 5.49795  ? 9   AIB A HB21 1 
HETATM 138 H  HB22 . AIB A 1 9  ? -0.83635 -7.09667  -0.08466  1.000 5.49795  ? 9   AIB A HB22 1 
HETATM 139 H  HB23 . AIB A 1 9  ? 0.93015  -6.87431  0.33241   1.000 5.49795  ? 9   AIB A HB23 1 
ATOM   140 N  N    . LEU A 1 10 ? 2.43339  -8.88395  1.47015   1.000 4.56828  ? 10  LEU A N    1 
ATOM   141 C  CA   . LEU A 1 10 ? 3.81228  -9.33222  1.34070   1.000 4.40531  ? 10  LEU A CA   1 
ATOM   142 C  C    . LEU A 1 10 ? 4.06883  -10.63821 2.05642   1.000 4.59346  ? 10  LEU A C    1 
ATOM   143 O  O    . LEU A 1 10 ? 4.97058  -11.38047 1.67749   1.000 5.21739  ? 10  LEU A O    1 
ATOM   144 C  CB   . LEU A 1 10 ? 4.76511  -8.25791  1.83897   1.000 4.48558  ? 10  LEU A CB   1 
ATOM   145 C  CG   . LEU A 1 10 ? 4.93667  -7.11155  0.84415   1.000 5.16062  ? 10  LEU A CG   1 
ATOM   146 C  CD1  . LEU A 1 10 ? 5.63115  -5.95287  1.51387   1.000 5.48322  ? 10  LEU A CD1  1 
ATOM   147 C  CD2  . LEU A 1 10 ? 5.69529  -7.54038  -0.40312  1.000 7.10037  ? 10  LEU A CD2  1 
ATOM   148 H  H    . LEU A 1 10 ? 2.31715  -8.22290  2.00783   1.000 5.48301  ? 10  LEU A H    1 
ATOM   149 H  HA   . LEU A 1 10 ? 3.99123  -9.49175  0.40080   1.000 5.28745  ? 10  LEU A HA   1 
ATOM   150 H  HB2  . LEU A 1 10 ? 4.41867  -7.88889  2.66644   1.000 5.38378  ? 10  LEU A HB2  1 
ATOM   151 H  HB3  . LEU A 1 10 ? 5.63622  -8.65609  1.99234   1.000 5.38378  ? 10  LEU A HB3  1 
ATOM   152 H  HG   . LEU A 1 10 ? 4.05648  -6.82900  0.55032   1.000 6.19383  ? 10  LEU A HG   1 
ATOM   153 H  HD11 . LEU A 1 10 ? 5.78661  -5.25576  0.85755   1.000 6.58094  ? 10  LEU A HD11 1 
ATOM   154 H  HD12 . LEU A 1 10 ? 5.06666  -5.61581  2.22705   1.000 6.58094  ? 10  LEU A HD12 1 
ATOM   155 H  HD13 . LEU A 1 10 ? 6.47657  -6.25902  1.87781   1.000 6.58094  ? 10  LEU A HD13 1 
ATOM   156 H  HD21 . LEU A 1 10 ? 5.81416  -6.77030  -0.98083  1.000 8.52152  ? 10  LEU A HD21 1 
ATOM   157 H  HD22 . LEU A 1 10 ? 6.55974  -7.89387  -0.14105  1.000 8.52152  ? 10  LEU A HD22 1 
ATOM   158 H  HD23 . LEU A 1 10 ? 5.18433  -8.22398  -0.86411  1.000 8.52152  ? 10  LEU A HD23 1 
HETATM 159 N  N    . NH2 A 1 11 ? 3.27426  -10.94927 3.19853   1.000 5.60523  ? 11  NH2 A N    1 
HETATM 160 H  HN1  . NH2 A 1 11 ? 2.87861  -11.51193 2.63386   1.000 6.72736  ? 11  NH2 A HN1  1 
HETATM 161 H  HN2  . NH2 A 1 11 ? 2.66701  -10.76916 3.82346   1.000 6.72736  ? 11  NH2 A HN2  1 
HETATM 162 C  C    . ACE B 1 1  ? -3.53368 -0.72104  -5.91447  1.000 3.76721  ? 1   ACE B C    1 
HETATM 163 O  O    . ACE B 1 1  ? -3.41422 0.54111   -5.78328  1.000 4.24088  ? 1   ACE B O    1 
HETATM 164 C  CH3  . ACE B 1 1  ? -4.22991 -1.25405  -7.13844  1.000 4.08973  ? 1   ACE B CH3  1 
HETATM 165 H  H1   . ACE B 1 1  ? -3.59238 -1.40355  -7.85405  1.000 4.90875  ? 1   ACE B H1   1 
HETATM 166 H  H2   . ACE B 1 1  ? -4.89855 -0.62436  -7.45038  1.000 4.90875  ? 1   ACE B H2   1 
HETATM 167 H  H3   . ACE B 1 1  ? -4.67028 -2.09517  -6.93973  1.000 4.90875  ? 1   ACE B H3   1 
ATOM   168 N  N    . LEU B 1 2  ? -3.00664 -1.63604  -4.96910  1.000 4.01510  ? 2   LEU B N    1 
ATOM   169 C  CA   . LEU B 1 2  ? -2.38235 -1.16528  -3.76157  1.000 3.81670  ? 2   LEU B CA   1 
ATOM   170 C  C    . LEU B 1 2  ? -1.13020 -0.33485  -4.03863  1.000 3.37054  ? 2   LEU B C    1 
ATOM   171 O  O    . LEU B 1 2  ? -0.97231 0.75299   -3.49562  1.000 4.04282  ? 2   LEU B O    1 
ATOM   172 C  CB   . LEU B 1 2  ? -2.03448 -2.38345  -2.91086  1.000 4.33266  ? 2   LEU B CB   1 
ATOM   173 C  CG   . LEU B 1 2  ? -1.10431 -2.16059  -1.72229  1.000 4.87654  ? 2   LEU B CG   1 
ATOM   174 C  CD1  . LEU B 1 2  ? -1.70136 -1.15219  -0.76304  1.000 5.01593  ? 2   LEU B CD1  1 
ATOM   175 C  CD2  . LEU B 1 2  ? -0.81360 -3.48318  -1.02199  1.000 5.53516  ? 2   LEU B CD2  1 
ATOM   176 H  H    . LEU B 1 2  ? -3.29050 -2.44535  -4.92606  1.000 4.81920  ? 2   LEU B H    1 
ATOM   177 H  HA   . LEU B 1 2  ? -2.98935 -0.58145  -3.28032  1.000 4.58112  ? 2   LEU B HA   1 
ATOM   178 H  HB2  . LEU B 1 2  ? -2.86189 -2.74597  -2.55750  1.000 5.20027  ? 2   LEU B HB2  1 
ATOM   179 H  HB3  . LEU B 1 2  ? -1.60549 -3.03587  -3.48638  1.000 5.20027  ? 2   LEU B HB3  1 
ATOM   180 H  HG   . LEU B 1 2  ? -0.26033 -1.80086  -2.03722  1.000 5.85292  ? 2   LEU B HG   1 
ATOM   181 H  HD11 . LEU B 1 2  ? -1.08481 -1.01278  -0.02729  1.000 6.02020  ? 2   LEU B HD11 1 
ATOM   182 H  HD12 . LEU B 1 2  ? -1.84858 -0.31708  -1.23400  1.000 6.02020  ? 2   LEU B HD12 1 
ATOM   183 H  HD13 . LEU B 1 2  ? -2.54417 -1.49589  -0.42774  1.000 6.02020  ? 2   LEU B HD13 1 
ATOM   184 H  HD21 . LEU B 1 2  ? -0.19774 -3.32407  -0.28968  1.000 6.64327  ? 2   LEU B HD21 1 
ATOM   185 H  HD22 . LEU B 1 2  ? -1.64470 -3.84963  -0.68158  1.000 6.64327  ? 2   LEU B HD22 1 
ATOM   186 H  HD23 . LEU B 1 2  ? -0.41770 -4.09775  -1.65955  1.000 6.64327  ? 2   LEU B HD23 1 
HETATM 187 N  N    . AIB B 1 3  ? -0.22966 -0.86600  -4.85738  1.000 3.84461  ? 3   AIB B N    1 
HETATM 188 C  CA   . AIB B 1 3  ? 1.03441  -0.20911  -5.12155  1.000 3.84175  ? 3   AIB B CA   1 
HETATM 189 C  C    . AIB B 1 3  ? 0.81611  1.25618   -5.54038  1.000 4.03246  ? 3   AIB B C    1 
HETATM 190 O  O    . AIB B 1 3  ? 1.44232  2.20922   -5.07271  1.000 4.30365  ? 3   AIB B O    1 
HETATM 191 C  CB1  . AIB B 1 3  ? 1.95372  -0.24593  -3.87979  1.000 4.32166  ? 3   AIB B CB1  1 
HETATM 192 C  CB2  . AIB B 1 3  ? 1.76499  -0.88866  -6.29293  1.000 4.53715  ? 3   AIB B CB2  1 
HETATM 193 H  H    . AIB B 1 3  ? -0.16734 -1.84162  -5.07248  1.000 4.61461  ? 3   AIB B H    1 
HETATM 194 H  HB11 . AIB B 1 3  ? 2.89493  0.31510   -4.09153  1.000 5.18707  ? 3   AIB B HB11 1 
HETATM 195 H  HB12 . AIB B 1 3  ? 1.43294  0.22411   -3.01186  1.000 5.18707  ? 3   AIB B HB12 1 
HETATM 196 H  HB13 . AIB B 1 3  ? 2.20497  -1.30390  -3.62873  1.000 5.18707  ? 3   AIB B HB13 1 
HETATM 197 H  HB21 . AIB B 1 3  ? 2.63567  -0.25759  -6.59516  1.000 5.44566  ? 3   AIB B HB21 1 
HETATM 198 H  HB22 . AIB B 1 3  ? 2.12108  -1.89559  -5.96585  1.000 5.44566  ? 3   AIB B HB22 1 
HETATM 199 H  HB23 . AIB B 1 3  ? 1.05778  -0.99608  -7.15084  1.000 5.44566  ? 3   AIB B HB23 1 
ATOM   200 N  N    . GLU B 1 4  ? -0.13412 1.42235   -6.45763  1.000 3.88837  ? 4   GLU B N    1 
ATOM   201 C  CA   . GLU B 1 4  ? -0.40119 2.72810   -7.03752  1.000 3.97379  ? 4   GLU B CA   1 
ATOM   202 C  C    . GLU B 1 4  ? -1.08763 3.64963   -6.03584  1.000 3.59518  ? 4   GLU B C    1 
ATOM   203 O  O    . GLU B 1 4  ? -0.70708 4.81133   -5.89392  1.000 4.04184  ? 4   GLU B O    1 
ATOM   204 C  CB   . GLU B 1 4  ? -1.25178 2.60163   -8.29902  1.000 4.52937  ? 4   GLU B CB   1 
ATOM   205 C  CG   . GLU B 1 4  ? -1.43321 3.92809   -9.02300  1.000 5.00988  ? 4   GLU B CG   1 
ATOM   206 C  CD   . GLU B 1 4  ? -0.12067 4.54130   -9.47663  1.000 5.43557  ? 4   GLU B CD   1 
ATOM   207 O  OE1  . GLU B 1 4  ? 0.76030  3.78290   -9.92867  1.000 5.95970  ? 4   GLU B OE1  1 
ATOM   208 O  OE2  . GLU B 1 4  ? 0.03084  5.77819   -9.37539  1.000 6.41621  ? 4   GLU B OE2  1 
ATOM   209 H  H    . GLU B 1 4  ? -0.63609 0.79221   -6.75853  1.000 4.66712  ? 4   GLU B H    1 
ATOM   210 H  HA   . GLU B 1 4  ? 0.44466  3.13203   -7.28710  1.000 4.76963  ? 4   GLU B HA   1 
ATOM   211 H  HB2  . GLU B 1 4  ? -0.82099 1.98289   -8.90934  1.000 5.43632  ? 4   GLU B HB2  1 
ATOM   212 H  HB3  . GLU B 1 4  ? -2.13013 2.26990   -8.05541  1.000 5.43632  ? 4   GLU B HB3  1 
ATOM   213 H  HG2  . GLU B 1 4  ? -1.98373 3.78543   -9.80880  1.000 6.01294  ? 4   GLU B HG2  1 
ATOM   214 H  HG3  . GLU B 1 4  ? -1.86584 4.55706   -8.42458  1.000 6.01294  ? 4   GLU B HG3  1 
HETATM 215 N  N    . AIB B 1 5  ? -2.10628 3.12591   -5.36079  1.000 3.83896  ? 5   AIB B N    1 
HETATM 216 C  CA   . AIB B 1 5  ? -2.81326 3.88543   -4.35568  1.000 3.58591  ? 5   AIB B CA   1 
HETATM 217 C  C    . AIB B 1 5  ? -1.84647 4.51251   -3.33457  1.000 3.35641  ? 5   AIB B C    1 
HETATM 218 O  O    . AIB B 1 5  ? -1.91798 5.66225   -2.92542  1.000 3.80492  ? 5   AIB B O    1 
HETATM 219 C  CB1  . AIB B 1 5  ? -3.62907 5.01470   -5.01178  1.000 3.70547  ? 5   AIB B CB1  1 
HETATM 220 C  CB2  . AIB B 1 5  ? -3.76672 2.97050   -3.56426  1.000 4.22772  ? 5   AIB B CB2  1 
HETATM 221 H  H    . AIB B 1 5  ? -2.67152 2.36737   -5.68807  1.000 4.60783  ? 5   AIB B H    1 
HETATM 222 H  HB11 . AIB B 1 5  ? -4.15046 5.60894   -4.22407  1.000 4.44764  ? 5   AIB B HB11 1 
HETATM 223 H  HB12 . AIB B 1 5  ? -2.94794 5.68541   -5.58769  1.000 4.44764  ? 5   AIB B HB12 1 
HETATM 224 H  HB13 . AIB B 1 5  ? -4.38701 4.57781   -5.70468  1.000 4.44764  ? 5   AIB B HB13 1 
HETATM 225 H  HB21 . AIB B 1 5  ? -4.26579 3.56883   -2.76388  1.000 5.07434  ? 5   AIB B HB21 1 
HETATM 226 H  HB22 . AIB B 1 5  ? -4.53384 2.55331   -4.26080  1.000 5.07434  ? 5   AIB B HB22 1 
HETATM 227 H  HB23 . AIB B 1 5  ? -3.17790 2.13934   -3.10583  1.000 5.07434  ? 5   AIB B HB23 1 
ATOM   228 N  N    . LEU B 1 6  ? -0.90579 3.67115   -2.91981  1.000 3.64936  ? 6   LEU B N    1 
ATOM   229 C  CA   . LEU B 1 6  ? 0.09884  4.05116   -1.94087  1.000 4.11648  ? 6   LEU B CA   1 
ATOM   230 C  C    . LEU B 1 6  ? 1.04125  5.11411   -2.50057  1.000 3.54642  ? 6   LEU B C    1 
ATOM   231 O  O    . LEU B 1 6  ? 1.36673  6.07515   -1.81763  1.000 4.26672  ? 6   LEU B O    1 
ATOM   232 C  CB   . LEU B 1 6  ? 0.86529  2.80385   -1.48059  1.000 4.41113  ? 6   LEU B CB   1 
ATOM   233 C  CG   . LEU B 1 6  ? 2.00004  2.98847   -0.48320  1.000 5.40816  ? 6   LEU B CG   1 
ATOM   234 C  CD1  . LEU B 1 6  ? 1.48309  3.63308   0.79424   1.000 5.93917  ? 6   LEU B CD1  1 
ATOM   235 C  CD2  . LEU B 1 6  ? 2.61197  1.62856   -0.18928  1.000 6.41766  ? 6   LEU B CD2  1 
ATOM   236 H  H    . LEU B 1 6  ? -0.82845 2.86057   -3.19651  1.000 4.38031  ? 6   LEU B H    1 
ATOM   237 H  HA   . LEU B 1 6  ? -0.32702 4.44162   -1.16170  1.000 4.94085  ? 6   LEU B HA   1 
ATOM   238 H  HB2  . LEU B 1 6  ? 0.22673  2.20189   -1.06733  1.000 5.29444  ? 6   LEU B HB2  1 
ATOM   239 H  HB3  . LEU B 1 6  ? 1.25136  2.38859   -2.26762  1.000 5.29444  ? 6   LEU B HB3  1 
ATOM   240 H  HG   . LEU B 1 6  ? 2.68114  3.57412   -0.84930  1.000 6.49087  ? 6   LEU B HG   1 
ATOM   241 H  HD11 . LEU B 1 6  ? 2.22557  3.76471   1.40440   1.000 7.12808  ? 6   LEU B HD11 1 
ATOM   242 H  HD12 . LEU B 1 6  ? 1.07906  4.48743   0.57575   1.000 7.12808  ? 6   LEU B HD12 1 
ATOM   243 H  HD13 . LEU B 1 6  ? 0.82271  3.04852   1.19809   1.000 7.12808  ? 6   LEU B HD13 1 
ATOM   244 H  HD21 . LEU B 1 6  ? 3.32876  1.73741   0.45513   1.000 7.70227  ? 6   LEU B HD21 1 
ATOM   245 H  HD22 . LEU B 1 6  ? 1.92675  1.04565   0.17346   1.000 7.70227  ? 6   LEU B HD22 1 
ATOM   246 H  HD23 . LEU B 1 6  ? 2.96185  1.25495   -1.01324  1.000 7.70227  ? 6   LEU B HD23 1 
ATOM   247 N  N    . HIS B 1 7  ? 1.46109  4.94656   -3.75439  1.000 4.18642  ? 7   HIS B N    1 
ATOM   248 C  CA   . HIS B 1 7  ? 2.24999  5.98065   -4.41629  1.000 4.00043  ? 7   HIS B CA   1 
ATOM   249 C  C    . HIS B 1 7  ? 1.53691  7.32524   -4.35397  1.000 3.97303  ? 7   HIS B C    1 
ATOM   250 O  O    . HIS B 1 7  ? 2.14162  8.34975   -4.02244  1.000 4.50384  ? 7   HIS B O    1 
ATOM   251 C  CB   . HIS B 1 7  ? 2.51338  5.57377   -5.86796  1.000 4.35607  ? 7   HIS B CB   1 
ATOM   252 C  CG   . HIS B 1 7  ? 3.33841  6.55767   -6.64474  1.000 4.47664  ? 7   HIS B CG   1 
ATOM   253 N  ND1  . HIS B 1 7  ? 2.78821  7.63331   -7.31052  1.000 4.92796  ? 7   HIS B ND1  1 
ATOM   254 C  CD2  . HIS B 1 7  ? 4.67229  6.62166   -6.87509  1.000 4.76799  ? 7   HIS B CD2  1 
ATOM   255 C  CE1  . HIS B 1 7  ? 3.74651  8.31569   -7.91506  1.000 4.85073  ? 7   HIS B CE1  1 
ATOM   256 N  NE2  . HIS B 1 7  ? 4.90018  7.72448   -7.66542  1.000 5.16739  ? 7   HIS B NE2  1 
ATOM   257 H  H    . HIS B 1 7  ? 1.30438  4.25217   -4.23696  1.000 5.02478  ? 7   HIS B H    1 
ATOM   258 H  HA   . HIS B 1 7  ? 3.10518  6.07061   -3.96745  1.000 4.80160  ? 7   HIS B HA   1 
ATOM   259 H  HB2  . HIS B 1 7  ? 2.98593  4.72667   -5.87144  1.000 5.22836  ? 7   HIS B HB2  1 
ATOM   260 H  HB3  . HIS B 1 7  ? 1.66182  5.48049   -6.32297  1.000 5.22836  ? 7   HIS B HB3  1 
ATOM   261 H  HD1  . HIS B 1 7  ? 1.95120  7.82989   -7.32957  1.000 5.91463  ? 7   HIS B HD1  1 
ATOM   262 H  HD2  . HIS B 1 7  ? 5.31510  6.02934   -6.55752  1.000 5.72267  ? 7   HIS B HD2  1 
ATOM   263 H  HE1  . HIS B 1 7  ? 3.62777  9.08182   -8.42872  1.000 5.82195  ? 7   HIS B HE1  1 
ATOM   264 N  N    . ARG B 1 8  ? 0.24619  7.34650   -4.66997  1.000 3.85340  ? 8   ARG B N    1 
ATOM   265 C  CA   . ARG B 1 8  ? -0.48585 8.60964   -4.66241  1.000 4.07044  ? 8   ARG B CA   1 
ATOM   266 C  C    . ARG B 1 8  ? -0.55095 9.20599   -3.25585  1.000 4.07742  ? 8   ARG B C    1 
ATOM   267 O  O    . ARG B 1 8  ? -0.27543 10.38714  -3.06733  1.000 4.16767  ? 8   ARG B O    1 
ATOM   268 C  CB   . ARG B 1 8  ? -1.90107 8.45298   -5.21875  1.000 4.04195  ? 8   ARG B CB   1 
ATOM   269 C  CG   . ARG B 1 8  ? -2.62887 9.77683   -5.24519  1.000 5.33551  ? 8   ARG B CG   1 
ATOM   270 C  CD   . ARG B 1 8  ? -3.95675 9.74470   -5.94771  1.000 5.39806  ? 8   ARG B CD   1 
ATOM   271 N  NE   . ARG B 1 8  ? -4.28625 11.09031  -6.39263  1.000 6.00270  ? 8   ARG B NE   1 
ATOM   272 C  CZ   . ARG B 1 8  ? -5.42428 11.43188  -6.97178  1.000 5.64942  ? 8   ARG B CZ   1 
ATOM   273 N  NH1  . ARG B 1 8  ? -6.39473 10.55472  -7.14885  1.000 5.23973  ? 8   ARG B NH1  1 
ATOM   274 N  NH2  . ARG B 1 8  ? -5.57052 12.67329  -7.43008  1.000 6.94973  ? 8   ARG B NH2  1 
ATOM   275 H  H    . ARG B 1 8  ? -0.21952 6.65717   -4.88805  1.000 4.62516  ? 8   ARG B H    1 
ATOM   276 H  HA   . ARG B 1 8  ? -0.01171 9.22743   -5.24070  1.000 4.88560  ? 8   ARG B HA   1 
ATOM   277 H  HB2  . ARG B 1 8  ? -1.85407 8.11065   -6.12511  1.000 4.85142  ? 8   ARG B HB2  1 
ATOM   278 H  HB3  . ARG B 1 8  ? -2.40084 7.83936   -4.65785  1.000 4.85142  ? 8   ARG B HB3  1 
ATOM   279 H  HG2  . ARG B 1 8  ? -2.78874 10.06064  -4.33152  1.000 6.40369  ? 8   ARG B HG2  1 
ATOM   280 H  HG3  . ARG B 1 8  ? -2.07256 10.42701  -5.70202  1.000 6.40369  ? 8   ARG B HG3  1 
ATOM   281 H  HD2  . ARG B 1 8  ? -3.90880 9.15939   -6.71973  1.000 6.47876  ? 8   ARG B HD2  1 
ATOM   282 H  HD3  . ARG B 1 8  ? -4.64588 9.43538   -5.33915  1.000 6.47876  ? 8   ARG B HD3  1 
ATOM   283 H  HE   . ARG B 1 8  ? -3.69927 11.70678  -6.27018  1.000 7.20432  ? 8   ARG B HE   1 
ATOM   284 H  HH11 . ARG B 1 8  ? -6.29347 9.74238   -6.88532  1.000 6.28875  ? 8   ARG B HH11 1 
ATOM   285 H  HH12 . ARG B 1 8  ? -7.12822 10.79560  -7.52775  1.000 6.28875  ? 8   ARG B HH12 1 
ATOM   286 H  HH21 . ARG B 1 8  ? -4.92942 13.24051  -7.34733  1.000 8.34075  ? 8   ARG B HH21 1 
ATOM   287 H  HH22 . ARG B 1 8  ? -6.30608 12.90795  -7.80887  1.000 8.34075  ? 8   ARG B HH22 1 
HETATM 288 N  N    . AIB B 1 9  ? -0.94489 8.39610   -2.27880  1.000 4.00301  ? 9   AIB B N    1 
HETATM 289 C  CA   . AIB B 1 9  ? -1.11271 8.83947   -0.90847  1.000 4.45381  ? 9   AIB B CA   1 
HETATM 290 C  C    . AIB B 1 9  ? 0.17190  9.47974   -0.34729  1.000 4.54046  ? 9   AIB B C    1 
HETATM 291 O  O    . AIB B 1 9  ? 0.16878  10.43132  0.42593   1.000 4.27205  ? 9   AIB B O    1 
HETATM 292 C  CB1  . AIB B 1 9  ? -2.24887 9.87701   -0.76647  1.000 4.52550  ? 9   AIB B CB1  1 
HETATM 293 C  CB2  . AIB B 1 9  ? -1.41736 7.63119   -0.00544  1.000 4.48312  ? 9   AIB B CB2  1 
HETATM 294 H  H    . AIB B 1 9  ? -0.82630 7.40231   -2.29642  1.000 4.80469  ? 9   AIB B H    1 
HETATM 295 H  HB11 . AIB B 1 9  ? -2.35475 10.17512  0.30376   1.000 5.43168  ? 9   AIB B HB11 1 
HETATM 296 H  HB12 . AIB B 1 9  ? -2.01243 10.78014  -1.37795  1.000 5.43168  ? 9   AIB B HB12 1 
HETATM 297 H  HB13 . AIB B 1 9  ? -3.20968 9.43397   -1.12144  1.000 5.43168  ? 9   AIB B HB13 1 
HETATM 298 H  HB21 . AIB B 1 9  ? -1.51528 7.98077   1.05091   1.000 5.38083  ? 9   AIB B HB21 1 
HETATM 299 H  HB22 . AIB B 1 9  ? -2.37266 7.15813   -0.33907  1.000 5.38083  ? 9   AIB B HB22 1 
HETATM 300 H  HB23 . AIB B 1 9  ? -0.58078 6.89544   -0.08604  1.000 5.38083  ? 9   AIB B HB23 1 
ATOM   301 N  N    . LEU B 1 10 ? 1.30577  8.92099   -0.77263  1.000 4.01721  ? 10  LEU B N    1 
ATOM   302 C  CA   . LEU B 1 10 ? 2.59488  9.33133   -0.24473  1.000 3.79458  ? 10  LEU B CA   1 
ATOM   303 C  C    . LEU B 1 10 ? 3.10180  10.64522  -0.82300  1.000 4.38324  ? 10  LEU B C    1 
ATOM   304 O  O    . LEU B 1 10 ? 3.96077  11.28940  -0.23275  1.000 4.46562  ? 10  LEU B O    1 
ATOM   305 C  CB   . LEU B 1 10 ? 3.63081  8.23773   -0.46047  1.000 3.50261  ? 10  LEU B CB   1 
ATOM   306 C  CG   . LEU B 1 10 ? 3.47276  7.04626   0.48154   1.000 4.10145  ? 10  LEU B CG   1 
ATOM   307 C  CD1  . LEU B 1 10 ? 4.28857  5.86294   0.00040   1.000 4.44348  ? 10  LEU B CD1  1 
ATOM   308 C  CD2  . LEU B 1 10 ? 3.84904  7.40491   1.90853   1.000 5.46187  ? 10  LEU B CD2  1 
ATOM   309 H  H    . LEU B 1 10 ? 1.34934  8.30146   -1.36751  1.000 4.82174  ? 10  LEU B H    1 
ATOM   310 H  HA   . LEU B 1 10 ? 2.47955  9.47911   0.70698   1.000 4.55457  ? 10  LEU B HA   1 
ATOM   311 H  HB2  . LEU B 1 10 ? 3.55209  7.90957   -1.36987  1.000 4.20421  ? 10  LEU B HB2  1 
ATOM   312 H  HB3  . LEU B 1 10 ? 4.51386  8.61321   -0.31852  1.000 4.20421  ? 10  LEU B HB3  1 
ATOM   313 H  HG   . LEU B 1 10 ? 2.53713  6.79034   0.48258   1.000 4.92282  ? 10  LEU B HG   1 
ATOM   314 H  HD11 . LEU B 1 10 ? 4.20427  5.13973   0.64131   1.000 5.33325  ? 10  LEU B HD11 1 
ATOM   315 H  HD12 . LEU B 1 10 ? 3.95353  5.57913   -0.86453  1.000 5.33325  ? 10  LEU B HD12 1 
ATOM   316 H  HD13 . LEU B 1 10 ? 5.21784  6.13028   -0.07632  1.000 5.33325  ? 10  LEU B HD13 1 
ATOM   317 H  HD21 . LEU B 1 10 ? 3.77401  6.61288   2.46348   1.000 6.55532  ? 10  LEU B HD21 1 
ATOM   318 H  HD22 . LEU B 1 10 ? 4.76189  7.73266   1.92154   1.000 6.55532  ? 10  LEU B HD22 1 
ATOM   319 H  HD23 . LEU B 1 10 ? 3.24594  8.09291   2.23074   1.000 6.55532  ? 10  LEU B HD23 1 
HETATM 320 N  N    . NH2 B 1 11 ? 2.58797  11.03741  -2.09388  1.000 4.89297  ? 11  NH2 B N    1 
HETATM 321 H  HN1  . NH2 B 1 11 ? 2.04489  11.57553  -1.63805  1.000 5.87264  ? 11  NH2 B HN1  1 
HETATM 322 H  HN2  . NH2 B 1 11 ? 2.19063  10.90825  -2.87919  1.000 5.87264  ? 11  NH2 B HN2  1 
HETATM 323 S  S    . SO4 C 2 .  ? -0.57961 -10.54674 8.51900   1.000 6.02745  ? 101 SO4 A S    1 
HETATM 324 O  O1   . SO4 C 2 .  ? 0.03826  -11.29623 7.42918   1.000 8.15282  ? 101 SO4 A O1   1 
HETATM 325 O  O2   . SO4 C 2 .  ? -0.65214 -9.13797  8.16051   1.000 7.09797  ? 101 SO4 A O2   1 
HETATM 326 O  O3   . SO4 C 2 .  ? -1.89710 -11.10587 8.78064   1.000 8.09550  ? 101 SO4 A O3   1 
HETATM 327 O  O4   . SO4 C 2 .  ? 0.29016  -10.72554 9.68756   1.000 8.04798  ? 101 SO4 A O4   1 
HETATM 328 S  S    . SO4 D 2 .  ? 3.54957  -1.89173  13.47469  1.000 6.75022  ? 102 SO4 A S    1 
HETATM 329 O  O1   . SO4 D 2 .  ? 2.41127  -1.29961  12.77063  1.000 8.20840  ? 102 SO4 A O1   1 
HETATM 330 O  O2   . SO4 D 2 .  ? 3.75558  -1.13945  14.71088  1.000 8.36233  ? 102 SO4 A O2   1 
HETATM 331 O  O3   . SO4 D 2 .  ? 3.31810  -3.29855  13.78374  1.000 7.78397  ? 102 SO4 A O3   1 
HETATM 332 O  O4   . SO4 D 2 .  ? 4.77163  -1.71323  12.68248  1.000 9.09664  ? 102 SO4 A O4   1 
HETATM 333 CO CO   . CO  E 3 .  ? 2.31518  4.39934   -11.20334 1.000 4.81688  ? 101 CO  B CO   1 
HETATM 334 CO CO   . CO  F 3 .  ? 6.77272  8.25816   -8.54003  1.000 5.15033  ? 102 CO  B CO   1 
HETATM 335 O  O    . HOH G 4 .  ? 5.01457  1.08047   14.04324  1.000 13.27136 ? 201 HOH A O    1 
HETATM 336 O  O    . HOH G 4 .  ? -4.27661 -10.03636 8.21107   1.000 6.96433  ? 202 HOH A O    1 
HETATM 337 O  O    . HOH G 4 .  ? -0.09151 -2.31508  12.50818  1.000 7.21165  ? 203 HOH A O    1 
HETATM 338 O  O    . HOH G 4 .  ? -0.50364 -12.33126 11.79530  1.000 6.99076  ? 204 HOH A O    1 
HETATM 339 O  O    . HOH G 4 .  ? -2.98313 -13.15969 5.21931   1.000 12.08195 ? 205 HOH A O    1 
HETATM 340 O  O    . HOH G 4 .  ? 1.30118  1.19663   13.40999  1.000 10.94438 ? 206 HOH A O    1 
HETATM 341 O  O    . HOH G 4 .  ? 3.64958  -2.33848  6.78509   1.000 6.73481  ? 207 HOH A O    1 
HETATM 342 O  O    . HOH G 4 .  ? 1.89611  -3.81855  10.76467  1.000 8.96710  ? 208 HOH A O    1 
HETATM 343 O  O    . HOH G 4 .  ? -2.06924 0.87920   7.90511   1.000 7.02440  ? 209 HOH A O    1 
HETATM 344 O  O    . HOH G 4 .  ? 6.71098  -7.56148  9.48147   1.000 5.21135  ? 210 HOH A O    1 
HETATM 345 O  O    . HOH G 4 .  ? -6.47739 -11.54802 8.51103   1.000 11.58696 ? 211 HOH A O    1 
HETATM 346 O  O    . HOH G 4 .  ? -1.92216 -0.79762  11.42271  1.000 13.32971 ? 212 HOH A O    1 
HETATM 347 O  O    . HOH G 4 .  ? -3.01464 -8.49660  10.49214  1.000 7.92274  ? 213 HOH A O    1 
HETATM 348 O  O    . HOH G 4 .  ? -0.03182 -0.36981  9.53130   1.000 11.12752 ? 214 HOH A O    1 
HETATM 349 O  O    . HOH G 4 .  ? 2.47656  -1.75335  9.14290   1.000 10.36231 ? 215 HOH A O    1 
HETATM 350 O  O    . HOH G 4 .  ? -4.76613 -0.17680  8.81838   1.000 9.94148  ? 216 HOH A O    1 
HETATM 351 O  O    . HOH G 4 .  ? -5.78320 2.40315   8.99407   1.000 6.37127  ? 217 HOH A O    1 
HETATM 352 O  O    . HOH H 4 .  ? 2.28426  6.36961   -10.41150 1.000 6.51845  ? 201 HOH B O    1 
HETATM 353 O  O    . HOH H 4 .  ? -1.60325 7.70351   -8.53234  1.000 5.29545  ? 202 HOH B O    1 
HETATM 354 O  O    . HOH H 4 .  ? -0.18024 12.43362  -4.94433  1.000 5.67338  ? 203 HOH B O    1 
HETATM 355 O  O    . HOH H 4 .  ? -2.51482 13.30660  -6.07269  1.000 8.36212  ? 204 HOH B O    1 
HETATM 356 O  O    . HOH H 4 .  ? 4.30646  2.32798   -5.34860  1.000 5.69664  ? 205 HOH B O    1 
HETATM 357 O  O    . HOH H 4 .  ? 2.99525  13.97018  -2.74023  1.000 5.48443  ? 206 HOH B O    1 
HETATM 358 O  O    . HOH H 4 .  ? -2.52401 6.33732   -10.94021 1.000 7.30909  ? 207 HOH B O    1 
HETATM 359 O  O    . HOH H 4 .  ? 1.45339  0.56056   -9.31890  1.000 10.51966 ? 208 HOH B O    1 
HETATM 360 O  O    . HOH H 4 .  ? 3.77819  1.81079   -8.08051  1.000 10.25976 ? 209 HOH B O    1 
# 
loop_
_atom_site_anisotrop.id 
_atom_site_anisotrop.type_symbol 
_atom_site_anisotrop.pdbx_label_atom_id 
_atom_site_anisotrop.pdbx_label_alt_id 
_atom_site_anisotrop.pdbx_label_comp_id 
_atom_site_anisotrop.pdbx_label_asym_id 
_atom_site_anisotrop.pdbx_label_seq_id 
_atom_site_anisotrop.pdbx_PDB_ins_code 
_atom_site_anisotrop.U[1][1] 
_atom_site_anisotrop.U[2][2] 
_atom_site_anisotrop.U[3][3] 
_atom_site_anisotrop.U[1][2] 
_atom_site_anisotrop.U[1][3] 
_atom_site_anisotrop.U[2][3] 
_atom_site_anisotrop.pdbx_auth_seq_id 
_atom_site_anisotrop.pdbx_auth_comp_id 
_atom_site_anisotrop.pdbx_auth_asym_id 
_atom_site_anisotrop.pdbx_auth_atom_id 
1   C  C   . ACE A 1  ? 0.04491 0.05028 0.06897 0.00605  0.00552  -0.00424 1   ACE A C   
2   O  O   . ACE A 1  ? 0.05121 0.05047 0.07887 0.00645  0.00408  -0.00773 1   ACE A O   
7   N  N   . LEU A 2  ? 0.03990 0.04716 0.05645 0.00183  0.00120  -0.00805 2   LEU A N   
8   C  CA  . LEU A 2  ? 0.04505 0.04518 0.05463 0.00732  -0.00242 -0.00922 2   LEU A CA  
9   C  C   . LEU A 2  ? 0.04514 0.03490 0.05877 -0.00397 -0.00511 -0.00059 2   LEU A C   
10  O  O   . LEU A 2  ? 0.05607 0.03885 0.05846 0.00007  0.00663  -0.00624 2   LEU A O   
11  C  CB  . LEU A 2  ? 0.05970 0.05838 0.07352 0.01099  0.00468  0.00668  2   LEU A CB  
12  C  CG  . LEU A 2  ? 0.07502 0.08631 0.07764 0.01700  -0.01161 0.00477  2   LEU A CG  
13  C  CD1 . LEU A 2  ? 0.08622 0.10246 0.10868 0.01742  -0.00207 0.03779  2   LEU A CD1 
14  C  CD2 . LEU A 2  ? 0.13129 0.10772 0.09272 0.04280  -0.00370 0.00445  2   LEU A CD2 
26  N  N   . AIB A 3  ? 0.04699 0.04134 0.06334 0.00649  0.00341  -0.00232 3   AIB A N   
27  C  CA  . AIB A 3  ? 0.05111 0.04283 0.06760 0.00224  -0.00308 -0.00425 3   AIB A CA  
28  C  C   . AIB A 3  ? 0.05113 0.04238 0.05902 0.00176  -0.00440 -0.00261 3   AIB A C   
29  O  O   . AIB A 3  ? 0.05296 0.03610 0.06548 0.00578  -0.00541 -0.00352 3   AIB A O   
30  C  CB1 . AIB A 3  ? 0.05361 0.04512 0.08897 0.00237  0.00354  0.00566  3   AIB A CB1 
31  C  CB2 . AIB A 3  ? 0.07166 0.04815 0.07065 0.00874  -0.01079 -0.00426 3   AIB A CB2 
39  N  N   . GLU A 4  ? 0.04545 0.04768 0.05019 0.00333  -0.00186 0.00014  4   GLU A N   
40  C  CA  . GLU A 4  ? 0.05349 0.04945 0.04986 0.01536  0.00743  -0.00098 4   GLU A CA  
41  C  C   . GLU A 4  ? 0.04525 0.04794 0.04662 0.00301  0.00480  -0.00699 4   GLU A C   
42  O  O   . GLU A 4  ? 0.05720 0.04226 0.05163 0.00656  0.00371  -0.00719 4   GLU A O   
43  C  CB  . GLU A 4  ? 0.06880 0.06722 0.05668 0.00705  0.01312  0.00049  4   GLU A CB  
44  C  CG  . GLU A 4  ? 0.07460 0.07272 0.05507 -0.00941 0.00800  -0.00596 4   GLU A CG  
45  C  CD  . GLU A 4  ? 0.09425 0.07460 0.06451 -0.00952 0.01068  -0.00102 4   GLU A CD  
46  O  OE1 . GLU A 4  ? 0.10724 0.07518 0.05480 -0.01536 -0.00166 0.00100  4   GLU A OE1 
47  O  OE2 . GLU A 4  ? 0.10403 0.08599 0.07283 -0.00631 -0.00388 -0.00382 4   GLU A OE2 
54  N  N   . AIB A 5  ? 0.05333 0.04995 0.04829 0.00789  0.00833  -0.00972 5   AIB A N   
55  C  CA  . AIB A 5  ? 0.04088 0.05026 0.05633 0.00208  0.00316  -0.00368 5   AIB A CA  
56  C  C   . AIB A 5  ? 0.02847 0.04874 0.05232 0.00281  -0.00312 -0.00189 5   AIB A C   
57  O  O   . AIB A 5  ? 0.04428 0.04179 0.05468 -0.00082 -0.00312 -0.01184 5   AIB A O   
58  C  CB1 . AIB A 5  ? 0.04791 0.05447 0.06269 -0.00282 0.00179  -0.00156 5   AIB A CB1 
59  C  CB2 . AIB A 5  ? 0.04144 0.05802 0.06004 0.00672  -0.00384 0.00430  5   AIB A CB2 
67  N  N   . LEU A 6  ? 0.03278 0.04746 0.04314 0.00993  -0.00516 -0.00102 6   LEU A N   
68  C  CA  . LEU A 6  ? 0.04027 0.04717 0.03939 0.00386  -0.00576 -0.00335 6   LEU A CA  
69  C  C   . LEU A 6  ? 0.03169 0.04136 0.04977 0.00483  -0.00486 -0.00047 6   LEU A C   
70  O  O   . LEU A 6  ? 0.05101 0.04053 0.05817 0.00599  -0.00543 -0.00513 6   LEU A O   
71  C  CB  . LEU A 6  ? 0.04200 0.05944 0.05244 -0.00684 -0.00184 -0.00043 6   LEU A CB  
72  C  CG  . LEU A 6  ? 0.05189 0.07394 0.07310 0.00062  0.00633  0.00582  6   LEU A CG  
73  C  CD1 . LEU A 6  ? 0.04731 0.08499 0.07851 -0.00009 0.00804  0.01043  6   LEU A CD1 
74  C  CD2 . LEU A 6  ? 0.04890 0.08278 0.08788 0.00581  0.00634  0.01080  6   LEU A CD2 
86  N  N   . HIS A 7  ? 0.04304 0.04988 0.04538 0.00487  -0.00254 -0.00251 7   HIS A N   
87  C  CA  . HIS A 7  ? 0.03915 0.05606 0.04904 0.00053  -0.00580 -0.00158 7   HIS A CA  
88  C  C   . HIS A 7  ? 0.04005 0.05018 0.05382 0.00136  -0.00548 -0.00130 7   HIS A C   
89  O  O   . HIS A 7  ? 0.05298 0.05494 0.05904 0.00315  0.00057  -0.00338 7   HIS A O   
90  C  CB  . HIS A 7  ? 0.04913 0.04536 0.05069 0.00235  -0.00161 -0.01512 7   HIS A CB  
91  C  CG  . HIS A 7  ? 0.04976 0.04754 0.05192 -0.00012 -0.00071 -0.01039 7   HIS A CG  
92  N  ND1 . HIS A 7  ? 0.05322 0.06329 0.05514 0.00884  0.00193  0.00005  7   HIS A ND1 
93  C  CD2 . HIS A 7  ? 0.05299 0.05373 0.05308 -0.00453 -0.00411 -0.00831 7   HIS A CD2 
94  C  CE1 . HIS A 7  ? 0.06137 0.06391 0.04911 0.01336  -0.00647 0.00237  7   HIS A CE1 
95  N  NE2 . HIS A 7  ? 0.06835 0.06143 0.04620 0.00147  -0.00489 -0.00444 7   HIS A NE2 
103 N  N   . ARG A 8  ? 0.04295 0.04147 0.05284 0.00568  -0.00307 -0.00309 8   ARG A N   
104 C  CA  . ARG A 8  ? 0.05349 0.04115 0.05750 -0.00311 0.00526  -0.00925 8   ARG A CA  
105 C  C   . ARG A 8  ? 0.03975 0.04368 0.06034 -0.00934 -0.00344 -0.00953 8   ARG A C   
106 O  O   . ARG A 8  ? 0.05689 0.03826 0.06818 -0.00108 0.00680  -0.01737 8   ARG A O   
107 C  CB  . ARG A 8  ? 0.04872 0.05640 0.06504 -0.00185 0.00086  -0.00329 8   ARG A CB  
108 C  CG  . ARG A 8  ? 0.05913 0.06202 0.08113 -0.00145 0.00606  0.00080  8   ARG A CG  
109 C  CD  . ARG A 8  ? 0.06484 0.06469 0.08307 0.00250  0.01026  0.00199  8   ARG A CD  
110 N  NE  . ARG A 8  ? 0.08784 0.06373 0.10920 -0.00176 0.01332  0.02297  8   ARG A NE  
111 C  CZ  . ARG A 8  ? 0.08836 0.06597 0.11819 -0.01137 0.02731  0.02076  8   ARG A CZ  
127 N  N   . AIB A 9  ? 0.05386 0.04830 0.05194 -0.00111 0.00340  -0.00753 9   AIB A N   
128 C  CA  . AIB A 9  ? 0.05791 0.05586 0.05139 0.00025  0.00096  -0.01239 9   AIB A CA  
129 C  C   . AIB A 9  ? 0.06079 0.04363 0.05667 0.00273  0.00813  -0.01174 9   AIB A C   
130 O  O   . AIB A 9  ? 0.06245 0.05220 0.05616 0.00819  0.00951  -0.01562 9   AIB A O   
131 C  CB1 . AIB A 9  ? 0.06413 0.06797 0.06402 0.01048  0.00534  -0.00554 9   AIB A CB1 
132 C  CB2 . AIB A 9  ? 0.06101 0.05735 0.05569 0.00562  0.00156  -0.00649 9   AIB A CB2 
140 N  N   . LEU A 10 ? 0.05662 0.04886 0.06809 0.00485  0.00602  -0.00968 10  LEU A N   
141 C  CA  . LEU A 10 ? 0.04699 0.05160 0.06879 -0.00034 -0.00782 -0.01383 10  LEU A CA  
142 C  C   . LEU A 10 ? 0.05342 0.05000 0.07111 -0.00007 -0.01600 -0.02052 10  LEU A C   
143 O  O   . LEU A 10 ? 0.05346 0.05664 0.08814 0.00374  -0.00428 -0.02288 10  LEU A O   
144 C  CB  . LEU A 10 ? 0.04155 0.06147 0.06741 0.00790  -0.01175 -0.00379 10  LEU A CB  
145 C  CG  . LEU A 10 ? 0.05611 0.07020 0.06977 -0.00737 -0.01520 0.00243  10  LEU A CG  
146 C  CD1 . LEU A 10 ? 0.05147 0.07066 0.08620 -0.01479 -0.01550 0.00745  10  LEU A CD1 
147 C  CD2 . LEU A 10 ? 0.09425 0.08817 0.08736 0.00212  0.00940  0.01541  10  LEU A CD2 
159 N  N   . NH2 A 11 ? 0.06057 0.05931 0.09309 -0.00104 -0.00252 -0.00300 11  NH2 A N   
162 C  C   . ACE B 1  ? 0.04589 0.05277 0.04448 -0.01198 -0.01142 -0.01104 1   ACE B C   
163 O  O   . ACE B 1  ? 0.06468 0.04050 0.05596 -0.00534 -0.00251 -0.00508 1   ACE B O   
168 N  N   . LEU B 2  ? 0.05465 0.05491 0.04300 -0.00710 -0.00541 -0.01370 2   LEU B N   
169 C  CA  . LEU B 2  ? 0.04799 0.04804 0.04898 -0.00606 -0.01031 -0.00701 2   LEU B CA  
170 C  C   . LEU B 2  ? 0.04208 0.04043 0.04556 -0.00926 -0.01348 -0.00852 2   LEU B C   
171 O  O   . LEU B 2  ? 0.06497 0.03996 0.04868 -0.00092 -0.00699 -0.00745 2   LEU B O   
172 C  CB  . LEU B 2  ? 0.05931 0.05637 0.04894 -0.01537 -0.00800 -0.00597 2   LEU B CB  
173 C  CG  . LEU B 2  ? 0.05302 0.07535 0.05691 -0.01774 -0.01578 0.00285  2   LEU B CG  
174 C  CD1 . LEU B 2  ? 0.06184 0.08648 0.04227 -0.00833 -0.00760 -0.00155 2   LEU B CD1 
175 C  CD2 . LEU B 2  ? 0.06250 0.07920 0.06859 -0.01382 -0.01276 0.01408  2   LEU B CD2 
187 N  N   . AIB B 3  ? 0.03974 0.04823 0.05811 -0.00331 -0.00600 -0.00617 3   AIB B N   
188 C  CA  . AIB B 3  ? 0.03838 0.05367 0.05392 -0.01011 -0.01358 -0.00943 3   AIB B CA  
189 C  C   . AIB B 3  ? 0.03873 0.05346 0.06103 -0.01246 -0.00695 -0.00510 3   AIB B C   
190 O  O   . AIB B 3  ? 0.04356 0.05845 0.06151 -0.01255 -0.00236 -0.01202 3   AIB B O   
191 C  CB1 . AIB B 3  ? 0.04478 0.05717 0.06224 -0.00259 -0.01617 0.00072  3   AIB B CB1 
192 C  CB2 . AIB B 3  ? 0.05247 0.05644 0.06348 -0.01275 -0.01408 -0.00997 3   AIB B CB2 
200 N  N   . GLU B 4  ? 0.04245 0.04398 0.06131 -0.00740 -0.00587 -0.00416 4   GLU B N   
201 C  CA  . GLU B 4  ? 0.04152 0.04742 0.06204 0.00013  -0.00874 0.00055  4   GLU B CA  
202 C  C   . GLU B 4  ? 0.03985 0.04502 0.05172 -0.00167 -0.00621 -0.00434 4   GLU B C   
203 O  O   . GLU B 4  ? 0.04702 0.05330 0.05327 -0.00591 -0.01431 -0.00457 4   GLU B O   
204 C  CB  . GLU B 4  ? 0.05507 0.05522 0.06180 0.01276  0.00387  -0.00329 4   GLU B CB  
205 C  CG  . GLU B 4  ? 0.06559 0.05911 0.06565 0.00910  0.00397  -0.00402 4   GLU B CG  
206 C  CD  . GLU B 4  ? 0.07346 0.05413 0.07894 0.01192  0.01766  0.00146  4   GLU B CD  
207 O  OE1 . GLU B 4  ? 0.09106 0.05855 0.07683 0.01335  0.01924  0.00893  4   GLU B OE1 
208 O  OE2 . GLU B 4  ? 0.08211 0.05952 0.10215 0.00090  0.03194  -0.00007 4   GLU B OE2 
215 N  N   . AIB B 5  ? 0.04945 0.04185 0.05456 -0.00521 -0.00617 -0.00715 5   AIB B N   
216 C  CA  . AIB B 5  ? 0.03732 0.03982 0.05911 -0.00563 -0.01002 -0.00752 5   AIB B CA  
217 C  C   . AIB B 5  ? 0.03622 0.03752 0.05378 -0.00092 -0.00628 -0.00353 5   AIB B C   
218 O  O   . AIB B 5  ? 0.03970 0.04888 0.05599 -0.00249 -0.00435 -0.00660 5   AIB B O   
219 C  CB1 . AIB B 5  ? 0.03952 0.03715 0.06412 -0.00181 -0.01670 -0.01025 5   AIB B CB1 
220 C  CB2 . AIB B 5  ? 0.05143 0.05347 0.05574 -0.00766 -0.00238 -0.01333 5   AIB B CB2 
228 N  N   . LEU B 6  ? 0.04386 0.03763 0.05715 -0.00258 -0.00907 -0.00252 6   LEU B N   
229 C  CA  . LEU B 6  ? 0.04465 0.05072 0.06104 0.00535  -0.00271 0.00295  6   LEU B CA  
230 C  C   . LEU B 6  ? 0.03266 0.05349 0.04859 -0.00835 -0.01375 -0.00342 6   LEU B C   
231 O  O   . LEU B 6  ? 0.05383 0.05579 0.05248 0.00172  -0.00459 -0.00525 6   LEU B O   
232 C  CB  . LEU B 6  ? 0.04449 0.05624 0.06687 0.01064  -0.00397 -0.00112 6   LEU B CB  
233 C  CG  . LEU B 6  ? 0.05648 0.07530 0.07372 -0.01350 -0.01392 0.00303  6   LEU B CG  
234 C  CD1 . LEU B 6  ? 0.06106 0.09035 0.07426 -0.01780 -0.01791 0.01252  6   LEU B CD1 
235 C  CD2 . LEU B 6  ? 0.06747 0.08937 0.08698 0.00016  -0.02352 0.01063  6   LEU B CD2 
247 N  N   . HIS B 7  ? 0.04501 0.05479 0.05927 -0.01130 -0.00408 -0.00267 7   HIS B N   
248 C  CA  . HIS B 7  ? 0.03704 0.05747 0.05748 -0.01220 -0.00553 -0.00992 7   HIS B CA  
249 C  C   . HIS B 7  ? 0.03882 0.05294 0.05920 -0.01410 -0.00717 -0.00762 7   HIS B C   
250 O  O   . HIS B 7  ? 0.04261 0.05851 0.07001 -0.00906 -0.00483 -0.00400 7   HIS B O   
251 C  CB  . HIS B 7  ? 0.04992 0.05230 0.06329 -0.00799 -0.00256 -0.00692 7   HIS B CB  
252 C  CG  . HIS B 7  ? 0.05818 0.05087 0.06104 -0.00076 -0.00062 -0.00733 7   HIS B CG  
253 N  ND1 . HIS B 7  ? 0.06143 0.05994 0.06587 0.00296  0.00556  -0.00509 7   HIS B ND1 
254 C  CD2 . HIS B 7  ? 0.05333 0.06270 0.06514 0.00243  0.00522  0.00176  7   HIS B CD2 
255 C  CE1 . HIS B 7  ? 0.04948 0.06834 0.06649 -0.01693 0.00217  -0.00264 7   HIS B CE1 
256 N  NE2 . HIS B 7  ? 0.05788 0.07123 0.06722 -0.01069 0.00163  0.00781  7   HIS B NE2 
264 N  N   . ARG B 8  ? 0.04412 0.04632 0.05597 -0.01080 -0.01377 -0.01035 8   ARG B N   
265 C  CA  . ARG B 8  ? 0.04026 0.04855 0.06585 0.00010  -0.00628 -0.00527 8   ARG B CA  
266 C  C   . ARG B 8  ? 0.03950 0.04861 0.06682 -0.00114 -0.01376 -0.00463 8   ARG B C   
267 O  O   . ARG B 8  ? 0.04729 0.04547 0.06559 0.00377  -0.01675 -0.00479 8   ARG B O   
268 C  CB  . ARG B 8  ? 0.04752 0.04717 0.05889 -0.00640 -0.01270 -0.01198 8   ARG B CB  
269 C  CG  . ARG B 8  ? 0.06627 0.06040 0.07606 -0.00760 -0.01535 -0.00838 8   ARG B CG  
270 C  CD  . ARG B 8  ? 0.05832 0.06708 0.07971 -0.00906 -0.01920 -0.00040 8   ARG B CD  
271 N  NE  . ARG B 8  ? 0.07169 0.06752 0.08885 -0.00764 -0.02061 0.01172  8   ARG B NE  
272 C  CZ  . ARG B 8  ? 0.06810 0.06886 0.07769 0.00346  -0.02980 0.01390  8   ARG B CZ  
288 N  N   . AIB B 9  ? 0.03246 0.05036 0.06927 0.00329  -0.00850 0.00045  9   AIB B N   
289 C  CA  . AIB B 9  ? 0.03967 0.05880 0.07075 0.00007  -0.00606 0.00045  9   AIB B CA  
290 C  C   . AIB B 9  ? 0.05005 0.04963 0.07284 0.00131  0.00648  0.00085  9   AIB B C   
291 O  O   . AIB B 9  ? 0.05120 0.04683 0.06429 -0.00371 -0.00073 -0.00974 9   AIB B O   
292 C  CB1 . AIB B 9  ? 0.04271 0.06196 0.06727 -0.00212 -0.00211 -0.00444 9   AIB B CB1 
293 C  CB2 . AIB B 9  ? 0.03200 0.05967 0.07867 -0.00002 -0.00814 0.00464  9   AIB B CB2 
301 N  N   . LEU B 10 ? 0.03645 0.05404 0.06215 -0.00791 -0.00797 -0.00408 10  LEU B N   
302 C  CA  . LEU B 10 ? 0.03731 0.04349 0.06338 -0.00257 -0.00542 -0.01318 10  LEU B CA  
303 C  C   . LEU B 10 ? 0.04801 0.04462 0.07391 -0.00789 -0.00666 -0.01331 10  LEU B C   
304 O  O   . LEU B 10 ? 0.05043 0.04211 0.07713 -0.00296 -0.01083 -0.01752 10  LEU B O   
305 C  CB  . LEU B 10 ? 0.02556 0.04885 0.05867 -0.00513 -0.01110 -0.01378 10  LEU B CB  
306 C  CG  . LEU B 10 ? 0.03246 0.06326 0.06012 -0.00501 -0.01562 -0.00795 10  LEU B CG  
307 C  CD1 . LEU B 10 ? 0.03571 0.06036 0.07277 -0.00744 -0.00776 0.00289  10  LEU B CD1 
308 C  CD2 . LEU B 10 ? 0.06319 0.07699 0.06735 0.00040  0.00096  -0.01363 10  LEU B CD2 
320 N  N   . NH2 B 11 ? 0.06687 0.04858 0.07047 -0.00785 -0.00666 -0.01416 11  NH2 B N   
323 S  S   . SO4 C .  ? 0.06066 0.07876 0.08960 -0.01031 0.00323  0.00131  101 SO4 A S   
324 O  O1  . SO4 C .  ? 0.09407 0.11502 0.10067 0.00025  0.03087  -0.00588 101 SO4 A O1  
325 O  O2  . SO4 C .  ? 0.06456 0.08278 0.12234 0.00280  -0.01793 0.01698  101 SO4 A O2  
326 O  O3  . SO4 C .  ? 0.07382 0.09546 0.13831 0.00391  0.02769  0.02407  101 SO4 A O3  
327 O  O4  . SO4 C .  ? 0.10320 0.11794 0.08465 -0.00047 -0.00745 0.01476  101 SO4 A O4  
328 S  S   . SO4 D .  ? 0.09137 0.08347 0.08163 0.01277  -0.00995 0.00823  102 SO4 A S   
329 O  O1  . SO4 D .  ? 0.10850 0.10559 0.09780 0.00896  -0.03392 0.02486  102 SO4 A O1  
330 O  O2  . SO4 D .  ? 0.10726 0.13286 0.07761 0.02397  -0.01266 -0.00922 102 SO4 A O2  
331 O  O3  . SO4 D .  ? 0.08856 0.07789 0.12929 0.00387  -0.01303 0.02360  102 SO4 A O3  
332 O  O4  . SO4 D .  ? 0.11704 0.10324 0.12534 0.01121  0.05102  0.03424  102 SO4 A O4  
333 CO CO  . CO  E .  ? 0.06529 0.06820 0.04953 0.00240  -0.00325 0.00510  101 CO  B CO  
334 CO CO  . CO  F .  ? 0.07336 0.06817 0.05416 -0.00348 0.01385  0.00275  102 CO  B CO  
335 O  O   . HOH G .  ? 0.18918 0.13630 0.17878 -0.00697 0.00535  0.03056  201 HOH A O   
336 O  O   . HOH G .  ? 0.08238 0.07461 0.10762 -0.01099 -0.02188 -0.00406 202 HOH A O   
337 O  O   . HOH G .  ? 0.08768 0.08281 0.10352 0.00207  0.02141  -0.00376 203 HOH A O   
338 O  O   . HOH G .  ? 0.12527 0.06871 0.07164 -0.01741 0.00339  -0.00080 204 HOH A O   
339 O  O   . HOH G .  ? 0.11130 0.12743 0.22033 0.02555  0.03973  0.03225  205 HOH A O   
340 O  O   . HOH G .  ? 0.16640 0.10328 0.14616 -0.02021 0.00225  -0.03092 206 HOH A O   
341 O  O   . HOH G .  ? 0.05896 0.06849 0.12844 -0.00736 0.01668  0.00871  207 HOH A O   
342 O  O   . HOH G .  ? 0.10667 0.09873 0.13531 0.00216  0.06633  0.01702  208 HOH A O   
343 O  O   . HOH G .  ? 0.11723 0.06596 0.08370 0.00227  0.01132  -0.00147 209 HOH A O   
344 O  O   . HOH G .  ? 0.07580 0.06149 0.06072 0.00538  0.00082  -0.00696 210 HOH A O   
345 O  O   . HOH G .  ? 0.13396 0.11982 0.18648 -0.02982 -0.01391 0.00028  211 HOH A O   
346 O  O   . HOH G .  ? 0.14694 0.12490 0.23463 -0.01543 0.02498  -0.02397 212 HOH A O   
347 O  O   . HOH G .  ? 0.12658 0.10693 0.06752 -0.02092 -0.01466 0.01392  213 HOH A O   
348 O  O   . HOH G .  ? 0.16631 0.13943 0.11706 0.01713  -0.01736 0.00456  214 HOH A O   
349 O  O   . HOH G .  ? 0.14777 0.14311 0.10284 -0.01514 0.03057  0.02105  215 HOH A O   
350 O  O   . HOH G .  ? 0.18810 0.09432 0.09530 0.04743  0.05941  0.03346  216 HOH A O   
351 O  O   . HOH G .  ? 0.09613 0.07149 0.07445 0.01348  0.02335  -0.00445 217 HOH A O   
352 O  O   . HOH H .  ? 0.12576 0.05407 0.06784 -0.00685 0.03014  -0.01085 201 HOH B O   
353 O  O   . HOH H .  ? 0.06909 0.08164 0.05048 0.00312  0.00402  -0.00457 202 HOH B O   
354 O  O   . HOH H .  ? 0.08849 0.05437 0.07270 -0.01067 -0.01010 -0.01392 203 HOH B O   
355 O  O   . HOH H .  ? 0.08601 0.08647 0.14524 -0.01475 -0.01909 0.00500  204 HOH B O   
356 O  O   . HOH H .  ? 0.06832 0.05710 0.09103 -0.00322 -0.01934 0.00576  205 HOH B O   
357 O  O   . HOH H .  ? 0.08032 0.05438 0.07369 -0.00378 0.00833  -0.00836 206 HOH B O   
358 O  O   . HOH H .  ? 0.12876 0.06663 0.08233 0.00937  -0.00555 -0.01388 207 HOH B O   
359 O  O   . HOH H .  ? 0.14341 0.14509 0.11120 0.03553  0.04694  0.01255  208 HOH B O   
360 O  O   . HOH H .  ? 0.19412 0.13034 0.06536 0.02799  0.03890  0.01401  209 HOH B O   
# 
